data_3JUK
#
_entry.id   3JUK
#
_cell.length_a   101.444
_cell.length_b   74.393
_cell.length_c   167.123
_cell.angle_alpha   90.00
_cell.angle_beta   97.91
_cell.angle_gamma   90.00
#
_symmetry.space_group_name_H-M   'C 1 2 1'
#
loop_
_entity.id
_entity.type
_entity.pdbx_description
1 polymer 'UDP-glucose pyrophosphorylase (GalU)'
2 non-polymer "URIDINE-5'-DIPHOSPHATE-GLUCOSE"
3 non-polymer 'MAGNESIUM ION'
4 water water
#
_entity_poly.entity_id   1
_entity_poly.type   'polypeptide(L)'
_entity_poly.pdbx_seq_one_letter_code
;MIKKCLFPAAGYGTRFLPITKTIPKEMLPIVDKPLIQYAVEEAMEAGCEVMAIVTGRNKRSLEDYFDTSYEIEHQIQGTN
KENALKSIRNIIEKCCFSYVRQKQMKGLGHAILTGEALIGNEPFAVILADDLCISHDHPSVLKQMTSLYQKYQCSIVAIE
EVALEEVSKYGVIRGEWLEEGVYEIKDMVEKPNQEDAPSNLAVIGRYILTPDIFEILSETKPGKNNEIQITDALRTQAKR
KRIIAYQFKGKRYDCGSVEGYIEASNAYYKKRLLEHHHHHH
;
_entity_poly.pdbx_strand_id   A,B,C,D
#
loop_
_chem_comp.id
_chem_comp.type
_chem_comp.name
_chem_comp.formula
MG non-polymer 'MAGNESIUM ION' 'Mg 2'
UPG non-polymer URIDINE-5'-DIPHOSPHATE-GLUCOSE 'C15 H24 N2 O17 P2'
#
# COMPACT_ATOMS: atom_id res chain seq x y z
N MET A 1 -30.03 -17.91 -10.83
CA MET A 1 -28.57 -17.70 -11.06
C MET A 1 -27.90 -17.15 -9.81
N ILE A 2 -26.86 -17.82 -9.36
CA ILE A 2 -26.09 -17.40 -8.20
C ILE A 2 -25.14 -16.33 -8.72
N LYS A 3 -25.26 -15.11 -8.21
CA LYS A 3 -24.44 -14.00 -8.67
C LYS A 3 -23.16 -13.73 -7.91
N LYS A 4 -23.08 -14.15 -6.64
CA LYS A 4 -21.90 -13.90 -5.83
C LYS A 4 -21.09 -15.15 -5.45
N CYS A 5 -19.77 -15.01 -5.46
CA CYS A 5 -18.89 -16.09 -5.07
C CYS A 5 -17.96 -15.52 -4.00
N LEU A 6 -17.86 -16.22 -2.87
CA LEU A 6 -17.01 -15.77 -1.78
C LEU A 6 -15.66 -16.46 -1.87
N PHE A 7 -14.58 -15.68 -1.74
CA PHE A 7 -13.23 -16.24 -1.81
C PHE A 7 -12.44 -16.08 -0.52
N PRO A 8 -12.43 -17.12 0.32
CA PRO A 8 -11.68 -17.03 1.58
C PRO A 8 -10.19 -16.89 1.22
N ALA A 9 -9.51 -15.92 1.81
CA ALA A 9 -8.09 -15.70 1.51
C ALA A 9 -7.37 -15.08 2.70
N ALA A 10 -7.86 -15.37 3.90
CA ALA A 10 -7.28 -14.82 5.11
C ALA A 10 -6.44 -15.81 5.92
N GLY A 11 -6.26 -17.02 5.40
CA GLY A 11 -5.48 -18.02 6.10
C GLY A 11 -4.01 -17.68 6.07
N TYR A 12 -3.24 -18.30 6.96
CA TYR A 12 -1.80 -18.02 7.04
C TYR A 12 -0.92 -18.60 5.93
N GLY A 13 -1.21 -19.82 5.51
CA GLY A 13 -0.39 -20.45 4.47
C GLY A 13 0.98 -20.76 5.04
N THR A 14 0.99 -21.26 6.27
CA THR A 14 2.22 -21.58 7.00
C THR A 14 3.23 -22.42 6.24
N ARG A 15 2.77 -23.35 5.42
CA ARG A 15 3.74 -24.18 4.70
C ARG A 15 4.49 -23.41 3.62
N PHE A 16 4.02 -22.22 3.28
CA PHE A 16 4.70 -21.41 2.28
C PHE A 16 5.44 -20.23 2.89
N LEU A 17 5.61 -20.26 4.21
CA LEU A 17 6.35 -19.22 4.93
C LEU A 17 7.80 -19.39 4.47
N PRO A 18 8.58 -18.30 4.40
CA PRO A 18 8.28 -16.90 4.70
C PRO A 18 7.52 -16.05 3.68
N ILE A 19 7.46 -16.48 2.41
CA ILE A 19 6.78 -15.66 1.42
C ILE A 19 5.35 -15.26 1.80
N THR A 20 4.59 -16.17 2.41
CA THR A 20 3.22 -15.87 2.79
C THR A 20 3.06 -14.83 3.90
N LYS A 21 4.17 -14.23 4.34
CA LYS A 21 4.05 -13.20 5.37
C LYS A 21 3.69 -11.87 4.68
N THR A 22 3.78 -11.85 3.34
CA THR A 22 3.49 -10.67 2.55
C THR A 22 2.54 -10.99 1.39
N ILE A 23 2.72 -12.16 0.77
CA ILE A 23 1.87 -12.61 -0.35
C ILE A 23 0.94 -13.73 0.11
N PRO A 24 -0.38 -13.48 0.15
CA PRO A 24 -1.30 -14.56 0.61
C PRO A 24 -1.12 -15.77 -0.29
N LYS A 25 -1.26 -16.97 0.26
CA LYS A 25 -1.07 -18.17 -0.56
C LYS A 25 -1.95 -18.27 -1.80
N GLU A 26 -3.09 -17.57 -1.80
CA GLU A 26 -3.99 -17.59 -2.95
C GLU A 26 -3.42 -16.76 -4.11
N MET A 27 -2.45 -15.90 -3.80
CA MET A 27 -1.80 -15.06 -4.80
C MET A 27 -0.57 -15.73 -5.41
N LEU A 28 -0.13 -16.86 -4.85
CA LEU A 28 1.04 -17.55 -5.38
C LEU A 28 0.75 -18.01 -6.81
N PRO A 29 1.68 -17.78 -7.75
CA PRO A 29 1.56 -18.14 -9.16
C PRO A 29 1.80 -19.62 -9.48
N ILE A 30 1.16 -20.10 -10.53
CA ILE A 30 1.34 -21.48 -10.95
C ILE A 30 2.53 -21.46 -11.87
N VAL A 31 2.97 -20.25 -12.19
CA VAL A 31 4.14 -19.95 -13.02
C VAL A 31 4.12 -18.45 -13.32
N ASP A 32 2.99 -17.99 -13.86
CA ASP A 32 2.81 -16.60 -14.25
C ASP A 32 1.42 -16.08 -13.87
N LYS A 33 0.62 -16.93 -13.26
CA LYS A 33 -0.75 -16.56 -12.90
C LYS A 33 -1.04 -17.03 -11.47
N PRO A 34 -1.55 -16.13 -10.61
CA PRO A 34 -1.86 -16.53 -9.23
C PRO A 34 -3.05 -17.49 -9.13
N LEU A 35 -3.03 -18.34 -8.11
CA LEU A 35 -4.11 -19.29 -7.91
C LEU A 35 -5.48 -18.63 -8.01
N ILE A 36 -5.65 -17.48 -7.36
CA ILE A 36 -6.94 -16.78 -7.34
C ILE A 36 -7.53 -16.38 -8.70
N GLN A 37 -6.69 -16.09 -9.70
CA GLN A 37 -7.21 -15.72 -11.02
C GLN A 37 -7.96 -16.88 -11.65
N TYR A 38 -7.41 -18.09 -11.51
CA TYR A 38 -8.04 -19.30 -12.03
C TYR A 38 -9.41 -19.47 -11.38
N ALA A 39 -9.47 -19.17 -10.08
CA ALA A 39 -10.71 -19.26 -9.32
C ALA A 39 -11.75 -18.27 -9.85
N VAL A 40 -11.34 -17.00 -9.97
CA VAL A 40 -12.23 -15.96 -10.46
C VAL A 40 -12.74 -16.28 -11.87
N GLU A 41 -11.85 -16.72 -12.75
CA GLU A 41 -12.26 -17.07 -14.11
C GLU A 41 -13.29 -18.20 -14.05
N GLU A 42 -13.07 -19.15 -13.14
CA GLU A 42 -13.99 -20.27 -12.98
C GLU A 42 -15.35 -19.78 -12.49
N ALA A 43 -15.34 -18.85 -11.53
CA ALA A 43 -16.59 -18.31 -11.00
C ALA A 43 -17.35 -17.57 -12.10
N MET A 44 -16.63 -16.83 -12.94
CA MET A 44 -17.24 -16.10 -14.04
C MET A 44 -17.95 -17.08 -14.97
N GLU A 45 -17.29 -18.16 -15.34
CA GLU A 45 -17.92 -19.12 -16.23
C GLU A 45 -19.17 -19.70 -15.57
N ALA A 46 -19.17 -19.74 -14.24
CA ALA A 46 -20.33 -20.27 -13.51
C ALA A 46 -21.48 -19.25 -13.45
N GLY A 47 -21.20 -18.01 -13.85
CA GLY A 47 -22.25 -17.00 -13.84
C GLY A 47 -22.14 -15.95 -12.74
N CYS A 48 -21.15 -16.08 -11.86
CA CYS A 48 -20.99 -15.12 -10.79
C CYS A 48 -20.50 -13.80 -11.34
N GLU A 49 -20.96 -12.69 -10.74
CA GLU A 49 -20.56 -11.37 -11.18
C GLU A 49 -19.90 -10.56 -10.07
N VAL A 50 -20.10 -11.01 -8.84
CA VAL A 50 -19.52 -10.32 -7.68
C VAL A 50 -18.53 -11.28 -7.03
N MET A 51 -17.29 -10.83 -6.89
CA MET A 51 -16.23 -11.64 -6.26
C MET A 51 -15.92 -11.03 -4.89
N ALA A 52 -16.55 -11.60 -3.86
CA ALA A 52 -16.41 -11.15 -2.48
C ALA A 52 -15.24 -11.87 -1.86
N ILE A 53 -14.21 -11.10 -1.55
CA ILE A 53 -13.00 -11.64 -0.97
C ILE A 53 -12.84 -11.34 0.52
N VAL A 54 -12.56 -12.37 1.30
CA VAL A 54 -12.33 -12.18 2.73
C VAL A 54 -10.82 -12.13 2.88
N THR A 55 -10.33 -11.00 3.38
CA THR A 55 -8.91 -10.76 3.55
C THR A 55 -8.35 -10.87 4.96
N GLY A 56 -7.03 -10.96 5.01
CA GLY A 56 -6.32 -11.02 6.27
C GLY A 56 -5.29 -9.91 6.17
N ARG A 57 -4.12 -10.14 6.75
CA ARG A 57 -3.03 -9.18 6.74
C ARG A 57 -2.38 -8.96 5.36
N ASN A 58 -2.62 -9.87 4.42
CA ASN A 58 -2.02 -9.77 3.10
C ASN A 58 -2.99 -9.21 2.06
N LYS A 59 -3.87 -8.32 2.47
CA LYS A 59 -4.83 -7.75 1.54
C LYS A 59 -4.22 -7.05 0.33
N ARG A 60 -3.24 -6.16 0.56
CA ARG A 60 -2.58 -5.40 -0.51
C ARG A 60 -2.27 -6.09 -1.84
N SER A 61 -1.66 -7.28 -1.80
CA SER A 61 -1.35 -8.00 -3.03
C SER A 61 -2.63 -8.38 -3.76
N LEU A 62 -3.60 -8.89 -3.02
CA LEU A 62 -4.89 -9.29 -3.58
C LEU A 62 -5.64 -8.11 -4.14
N GLU A 63 -5.77 -7.05 -3.34
CA GLU A 63 -6.51 -5.88 -3.76
C GLU A 63 -5.88 -5.20 -4.98
N ASP A 64 -4.59 -4.96 -4.95
CA ASP A 64 -3.92 -4.33 -6.08
C ASP A 64 -4.02 -5.19 -7.35
N TYR A 65 -3.95 -6.51 -7.20
CA TYR A 65 -4.01 -7.36 -8.38
C TYR A 65 -5.28 -7.20 -9.20
N PHE A 66 -6.42 -7.10 -8.53
CA PHE A 66 -7.68 -6.96 -9.24
C PHE A 66 -8.11 -5.54 -9.54
N ASP A 67 -7.19 -4.61 -9.36
CA ASP A 67 -7.46 -3.20 -9.62
C ASP A 67 -6.84 -2.80 -10.97
N THR A 68 -7.32 -1.70 -11.53
CA THR A 68 -6.83 -1.21 -12.82
C THR A 68 -5.40 -0.70 -12.80
N SER A 69 -4.62 -1.11 -13.79
CA SER A 69 -3.22 -0.71 -13.94
C SER A 69 -2.83 -0.79 -15.41
N TYR A 70 -3.53 -1.65 -16.12
CA TYR A 70 -3.26 -1.84 -17.54
C TYR A 70 -4.55 -2.27 -18.26
N THR A 79 0.71 -9.16 -28.36
CA THR A 79 0.83 -10.61 -28.21
C THR A 79 1.89 -10.92 -27.16
N ASN A 80 2.63 -9.90 -26.76
CA ASN A 80 3.68 -10.03 -25.76
C ASN A 80 2.99 -9.80 -24.42
N LYS A 81 2.74 -8.55 -24.09
CA LYS A 81 2.03 -8.24 -22.85
C LYS A 81 0.59 -8.68 -23.11
N GLU A 82 0.08 -8.23 -24.25
CA GLU A 82 -1.27 -8.50 -24.71
C GLU A 82 -1.89 -9.81 -24.25
N ASN A 83 -1.77 -10.85 -25.07
CA ASN A 83 -2.35 -12.14 -24.74
C ASN A 83 -2.23 -12.59 -23.30
N ALA A 84 -1.15 -12.24 -22.63
CA ALA A 84 -0.97 -12.64 -21.25
C ALA A 84 -1.81 -11.75 -20.32
N LEU A 85 -2.26 -10.63 -20.85
CA LEU A 85 -3.06 -9.66 -20.07
C LEU A 85 -4.57 -9.61 -20.36
N LYS A 86 -5.00 -10.03 -21.54
CA LYS A 86 -6.43 -9.98 -21.90
C LYS A 86 -7.39 -10.52 -20.86
N SER A 87 -7.10 -11.68 -20.31
CA SER A 87 -7.98 -12.29 -19.31
C SER A 87 -8.13 -11.47 -18.01
N ILE A 88 -7.02 -11.12 -17.36
CA ILE A 88 -7.11 -10.37 -16.11
C ILE A 88 -7.83 -9.03 -16.30
N ARG A 89 -7.57 -8.37 -17.43
CA ARG A 89 -8.20 -7.09 -17.74
C ARG A 89 -9.70 -7.28 -17.96
N ASN A 90 -10.07 -8.33 -18.70
CA ASN A 90 -11.47 -8.62 -18.94
C ASN A 90 -12.14 -8.79 -17.58
N ILE A 91 -11.46 -9.54 -16.71
CA ILE A 91 -11.94 -9.81 -15.36
C ILE A 91 -12.17 -8.52 -14.58
N ILE A 92 -11.16 -7.65 -14.55
CA ILE A 92 -11.25 -6.41 -13.80
C ILE A 92 -12.31 -5.44 -14.35
N GLU A 93 -12.60 -5.53 -15.64
CA GLU A 93 -13.59 -4.63 -16.21
C GLU A 93 -15.00 -5.18 -16.14
N LYS A 94 -15.14 -6.49 -16.05
CA LYS A 94 -16.47 -7.09 -15.98
C LYS A 94 -16.98 -7.42 -14.58
N CYS A 95 -16.09 -7.77 -13.65
CA CYS A 95 -16.51 -8.14 -12.30
C CYS A 95 -16.45 -7.01 -11.28
N CYS A 96 -17.20 -7.21 -10.20
CA CYS A 96 -17.23 -6.29 -9.08
C CYS A 96 -16.58 -7.01 -7.88
N PHE A 97 -15.48 -6.46 -7.38
CA PHE A 97 -14.80 -7.05 -6.24
C PHE A 97 -15.21 -6.34 -4.95
N SER A 98 -15.50 -7.12 -3.91
CA SER A 98 -15.84 -6.55 -2.61
C SER A 98 -14.91 -7.22 -1.59
N TYR A 99 -14.64 -6.54 -0.48
CA TYR A 99 -13.73 -7.07 0.54
C TYR A 99 -14.20 -6.87 1.99
N VAL A 100 -13.83 -7.82 2.85
CA VAL A 100 -14.10 -7.79 4.30
C VAL A 100 -12.84 -8.36 4.93
N ARG A 101 -12.49 -7.87 6.11
CA ARG A 101 -11.30 -8.35 6.79
C ARG A 101 -11.65 -9.32 7.90
N GLN A 102 -11.15 -10.55 7.82
CA GLN A 102 -11.41 -11.48 8.92
C GLN A 102 -10.45 -10.97 9.98
N LYS A 103 -10.99 -10.32 10.99
CA LYS A 103 -10.19 -9.74 12.06
C LYS A 103 -9.18 -10.67 12.69
N GLN A 104 -9.52 -11.95 12.80
CA GLN A 104 -8.58 -12.92 13.37
C GLN A 104 -8.73 -14.27 12.67
N MET A 105 -7.63 -15.01 12.58
CA MET A 105 -7.63 -16.32 11.94
C MET A 105 -8.31 -17.33 12.87
N LYS A 106 -9.63 -17.46 12.70
CA LYS A 106 -10.41 -18.36 13.54
C LYS A 106 -10.97 -19.56 12.78
N GLY A 107 -10.52 -19.74 11.53
CA GLY A 107 -10.98 -20.86 10.73
C GLY A 107 -11.84 -20.51 9.53
N LEU A 108 -11.85 -21.42 8.56
CA LEU A 108 -12.61 -21.27 7.33
C LEU A 108 -14.08 -20.98 7.62
N GLY A 109 -14.61 -21.62 8.66
CA GLY A 109 -15.99 -21.41 9.02
C GLY A 109 -16.22 -19.97 9.43
N HIS A 110 -15.31 -19.43 10.24
CA HIS A 110 -15.44 -18.05 10.71
C HIS A 110 -15.12 -17.06 9.59
N ALA A 111 -14.31 -17.51 8.63
CA ALA A 111 -13.96 -16.67 7.48
C ALA A 111 -15.23 -16.49 6.63
N ILE A 112 -15.99 -17.57 6.45
CA ILE A 112 -17.22 -17.50 5.67
C ILE A 112 -18.31 -16.73 6.45
N LEU A 113 -18.31 -16.87 7.78
CA LEU A 113 -19.27 -16.16 8.61
C LEU A 113 -18.95 -14.66 8.53
N THR A 114 -17.66 -14.33 8.53
CA THR A 114 -17.23 -12.94 8.40
C THR A 114 -17.70 -12.44 7.02
N GLY A 115 -17.67 -13.33 6.04
CA GLY A 115 -18.09 -12.98 4.70
C GLY A 115 -19.57 -12.67 4.56
N GLU A 116 -20.36 -12.78 5.64
CA GLU A 116 -21.78 -12.50 5.54
C GLU A 116 -22.10 -11.05 5.13
N ALA A 117 -21.29 -10.10 5.60
CA ALA A 117 -21.52 -8.71 5.26
C ALA A 117 -21.42 -8.44 3.76
N LEU A 118 -20.85 -9.36 3.00
CA LEU A 118 -20.69 -9.20 1.55
C LEU A 118 -21.67 -10.05 0.77
N ILE A 119 -22.39 -10.92 1.46
CA ILE A 119 -23.31 -11.81 0.77
C ILE A 119 -24.77 -11.52 0.99
N GLY A 120 -25.20 -11.45 2.23
CA GLY A 120 -26.59 -11.19 2.51
C GLY A 120 -27.44 -12.44 2.40
N ASN A 121 -28.75 -12.23 2.45
CA ASN A 121 -29.70 -13.33 2.41
C ASN A 121 -29.98 -13.91 1.01
N GLU A 122 -29.01 -14.60 0.46
CA GLU A 122 -29.16 -15.23 -0.86
C GLU A 122 -28.21 -16.40 -0.93
N PRO A 123 -28.55 -17.44 -1.70
CA PRO A 123 -27.61 -18.55 -1.77
C PRO A 123 -26.34 -18.04 -2.47
N PHE A 124 -25.18 -18.63 -2.21
CA PHE A 124 -23.95 -18.15 -2.84
C PHE A 124 -22.90 -19.22 -3.04
N ALA A 125 -21.91 -18.91 -3.87
CA ALA A 125 -20.82 -19.81 -4.17
C ALA A 125 -19.61 -19.53 -3.28
N VAL A 126 -18.80 -20.56 -3.09
CA VAL A 126 -17.57 -20.42 -2.31
C VAL A 126 -16.46 -21.18 -3.00
N ILE A 127 -15.32 -20.52 -3.20
CA ILE A 127 -14.19 -21.22 -3.80
C ILE A 127 -12.97 -21.06 -2.94
N LEU A 128 -12.32 -22.20 -2.68
CA LEU A 128 -11.06 -22.23 -1.92
C LEU A 128 -10.00 -22.30 -3.04
N ALA A 129 -9.42 -21.14 -3.35
CA ALA A 129 -8.41 -21.01 -4.41
C ALA A 129 -7.18 -21.92 -4.36
N ASP A 130 -6.78 -22.39 -3.18
CA ASP A 130 -5.61 -23.26 -3.16
C ASP A 130 -5.93 -24.56 -3.91
N ASP A 131 -7.22 -24.83 -4.13
CA ASP A 131 -7.60 -26.01 -4.89
C ASP A 131 -7.77 -25.59 -6.34
N LEU A 132 -6.76 -25.91 -7.14
CA LEU A 132 -6.72 -25.58 -8.56
C LEU A 132 -7.47 -26.66 -9.33
N CYS A 133 -8.53 -26.26 -10.04
CA CYS A 133 -9.32 -27.19 -10.81
C CYS A 133 -9.25 -26.87 -12.30
N ILE A 134 -8.78 -27.85 -13.06
CA ILE A 134 -8.65 -27.73 -14.51
C ILE A 134 -9.56 -28.81 -15.06
N SER A 135 -10.43 -28.45 -15.99
CA SER A 135 -11.34 -29.45 -16.54
C SER A 135 -11.98 -28.99 -17.82
N HIS A 136 -11.22 -28.36 -18.70
CA HIS A 136 -11.86 -27.85 -19.91
C HIS A 136 -12.14 -28.79 -21.07
N ASP A 137 -12.94 -29.81 -20.80
CA ASP A 137 -13.43 -30.72 -21.82
C ASP A 137 -14.87 -30.69 -21.36
N HIS A 138 -15.02 -30.25 -20.12
CA HIS A 138 -16.30 -30.08 -19.44
C HIS A 138 -16.31 -28.66 -18.86
N PRO A 139 -17.49 -28.20 -18.42
CA PRO A 139 -17.62 -26.85 -17.84
C PRO A 139 -16.78 -26.83 -16.55
N SER A 140 -16.43 -25.64 -16.07
CA SER A 140 -15.65 -25.56 -14.85
C SER A 140 -16.41 -26.23 -13.69
N VAL A 141 -15.67 -26.64 -12.67
CA VAL A 141 -16.26 -27.30 -11.53
C VAL A 141 -17.43 -26.54 -10.92
N LEU A 142 -17.20 -25.28 -10.54
CA LEU A 142 -18.25 -24.49 -9.94
C LEU A 142 -19.49 -24.46 -10.85
N LYS A 143 -19.29 -24.24 -12.16
CA LYS A 143 -20.43 -24.20 -13.09
C LYS A 143 -21.18 -25.51 -13.13
N GLN A 144 -20.46 -26.62 -12.97
CA GLN A 144 -21.09 -27.92 -12.96
C GLN A 144 -22.06 -27.86 -11.77
N MET A 145 -21.59 -27.29 -10.68
CA MET A 145 -22.35 -27.15 -9.45
C MET A 145 -23.50 -26.17 -9.56
N THR A 146 -23.26 -25.06 -10.26
CA THR A 146 -24.29 -24.05 -10.45
C THR A 146 -25.50 -24.66 -11.16
N SER A 147 -25.22 -25.58 -12.08
CA SER A 147 -26.28 -26.27 -12.82
C SER A 147 -27.03 -27.18 -11.86
N LEU A 148 -26.27 -27.89 -11.01
CA LEU A 148 -26.86 -28.80 -10.03
C LEU A 148 -27.77 -28.10 -9.03
N TYR A 149 -27.42 -26.88 -8.64
CA TYR A 149 -28.22 -26.13 -7.68
C TYR A 149 -29.62 -25.83 -8.24
N GLN A 150 -29.68 -25.62 -9.55
CA GLN A 150 -30.93 -25.34 -10.26
C GLN A 150 -31.94 -26.46 -9.94
N LYS A 151 -31.44 -27.69 -9.95
CA LYS A 151 -32.26 -28.85 -9.67
C LYS A 151 -32.53 -29.05 -8.19
N TYR A 152 -31.48 -29.33 -7.42
CA TYR A 152 -31.59 -29.57 -5.98
C TYR A 152 -31.94 -28.39 -5.07
N GLN A 153 -31.59 -27.18 -5.46
CA GLN A 153 -31.94 -26.02 -4.64
C GLN A 153 -31.52 -26.18 -3.17
N CYS A 154 -30.29 -26.64 -2.96
CA CYS A 154 -29.77 -26.81 -1.61
C CYS A 154 -28.27 -26.68 -1.67
N SER A 155 -27.61 -26.74 -0.51
CA SER A 155 -26.16 -26.62 -0.46
C SER A 155 -25.50 -27.78 -1.18
N ILE A 156 -24.42 -27.47 -1.89
CA ILE A 156 -23.68 -28.48 -2.64
C ILE A 156 -22.20 -28.38 -2.32
N VAL A 157 -21.58 -29.50 -2.00
CA VAL A 157 -20.16 -29.52 -1.70
C VAL A 157 -19.44 -30.51 -2.62
N ALA A 158 -18.37 -30.03 -3.25
CA ALA A 158 -17.60 -30.86 -4.18
C ALA A 158 -16.75 -31.90 -3.48
N ILE A 159 -16.78 -33.11 -4.02
CA ILE A 159 -16.01 -34.21 -3.48
C ILE A 159 -15.27 -34.93 -4.61
N GLU A 160 -14.20 -35.62 -4.23
CA GLU A 160 -13.38 -36.35 -5.17
C GLU A 160 -12.91 -37.58 -4.39
N GLU A 161 -12.83 -38.72 -5.06
CA GLU A 161 -12.36 -39.94 -4.40
C GLU A 161 -10.83 -39.86 -4.29
N VAL A 162 -10.30 -40.18 -3.10
CA VAL A 162 -8.87 -40.15 -2.84
C VAL A 162 -8.44 -41.46 -2.17
N ALA A 163 -7.14 -41.64 -1.97
CA ALA A 163 -6.62 -42.85 -1.31
C ALA A 163 -6.78 -42.70 0.20
N LEU A 164 -6.99 -43.81 0.91
CA LEU A 164 -7.16 -43.76 2.36
C LEU A 164 -6.02 -43.01 3.04
N GLU A 165 -4.90 -42.88 2.33
CA GLU A 165 -3.73 -42.21 2.83
C GLU A 165 -3.87 -40.68 2.88
N GLU A 166 -4.62 -40.11 1.95
CA GLU A 166 -4.84 -38.65 1.89
C GLU A 166 -6.03 -38.20 2.73
N VAL A 167 -6.94 -39.13 2.99
CA VAL A 167 -8.16 -38.83 3.74
C VAL A 167 -7.93 -37.91 4.96
N SER A 168 -6.80 -38.09 5.64
CA SER A 168 -6.51 -37.29 6.83
C SER A 168 -6.24 -35.79 6.60
N LYS A 169 -6.10 -35.37 5.35
CA LYS A 169 -5.85 -33.97 5.05
C LYS A 169 -7.15 -33.23 4.70
N TYR A 170 -8.24 -33.99 4.60
CA TYR A 170 -9.50 -33.39 4.21
C TYR A 170 -10.72 -33.74 5.03
N GLY A 171 -11.81 -33.06 4.69
CA GLY A 171 -13.07 -33.35 5.33
C GLY A 171 -13.56 -34.54 4.52
N VAL A 172 -14.28 -35.45 5.17
CA VAL A 172 -14.78 -36.63 4.50
C VAL A 172 -16.25 -36.81 4.81
N ILE A 173 -17.02 -37.23 3.80
CA ILE A 173 -18.45 -37.39 3.97
C ILE A 173 -18.90 -38.84 3.97
N ARG A 174 -20.09 -39.06 4.50
CA ARG A 174 -20.73 -40.37 4.45
C ARG A 174 -21.99 -39.97 3.72
N GLY A 175 -22.24 -40.58 2.57
CA GLY A 175 -23.44 -40.22 1.85
C GLY A 175 -24.16 -41.42 1.26
N GLU A 176 -25.32 -41.15 0.68
CA GLU A 176 -26.15 -42.16 0.06
C GLU A 176 -26.34 -41.76 -1.38
N TRP A 177 -26.10 -42.70 -2.27
CA TRP A 177 -26.22 -42.45 -3.69
C TRP A 177 -27.63 -42.04 -4.11
N LEU A 178 -27.73 -40.88 -4.74
CA LEU A 178 -29.02 -40.36 -5.22
C LEU A 178 -29.09 -40.55 -6.74
N GLU A 179 -27.96 -40.28 -7.40
CA GLU A 179 -27.81 -40.43 -8.85
C GLU A 179 -26.34 -40.33 -9.19
N GLU A 180 -26.01 -40.49 -10.46
CA GLU A 180 -24.62 -40.45 -10.90
C GLU A 180 -23.82 -39.25 -10.37
N GLY A 181 -22.85 -39.53 -9.51
CA GLY A 181 -22.02 -38.48 -8.95
C GLY A 181 -22.63 -37.63 -7.83
N VAL A 182 -23.87 -37.92 -7.46
CA VAL A 182 -24.55 -37.17 -6.42
C VAL A 182 -24.89 -38.00 -5.18
N TYR A 183 -24.53 -37.45 -4.02
CA TYR A 183 -24.81 -38.12 -2.76
C TYR A 183 -25.49 -37.20 -1.75
N GLU A 184 -26.51 -37.72 -1.08
CA GLU A 184 -27.16 -36.94 -0.04
C GLU A 184 -26.18 -37.17 1.10
N ILE A 185 -25.73 -36.08 1.72
CA ILE A 185 -24.76 -36.19 2.81
C ILE A 185 -25.45 -36.63 4.09
N LYS A 186 -24.91 -37.67 4.71
CA LYS A 186 -25.47 -38.19 5.95
C LYS A 186 -24.61 -37.74 7.12
N ASP A 187 -23.33 -37.50 6.84
CA ASP A 187 -22.41 -37.08 7.90
C ASP A 187 -21.13 -36.53 7.30
N MET A 188 -20.39 -35.76 8.08
CA MET A 188 -19.13 -35.16 7.65
C MET A 188 -18.17 -35.09 8.85
N VAL A 189 -16.88 -35.26 8.58
CA VAL A 189 -15.88 -35.18 9.63
C VAL A 189 -14.64 -34.52 9.02
N GLU A 190 -14.07 -33.56 9.75
CA GLU A 190 -12.89 -32.85 9.26
C GLU A 190 -11.57 -33.51 9.67
N LYS A 191 -10.81 -33.90 8.66
CA LYS A 191 -9.51 -34.53 8.84
C LYS A 191 -9.50 -35.73 9.77
N PRO A 192 -10.27 -36.77 9.44
CA PRO A 192 -10.28 -37.95 10.31
C PRO A 192 -8.98 -38.72 10.08
N ASN A 193 -8.57 -39.51 11.07
CA ASN A 193 -7.38 -40.32 10.90
C ASN A 193 -7.82 -41.44 9.96
N GLN A 194 -6.88 -41.91 9.14
CA GLN A 194 -7.18 -42.96 8.18
C GLN A 194 -8.09 -44.09 8.66
N GLU A 195 -8.05 -44.40 9.94
CA GLU A 195 -8.87 -45.49 10.47
C GLU A 195 -10.31 -45.08 10.76
N ASP A 196 -10.50 -43.81 11.13
CA ASP A 196 -11.83 -43.30 11.48
C ASP A 196 -12.62 -42.67 10.33
N ALA A 197 -12.07 -42.71 9.11
CA ALA A 197 -12.71 -42.11 7.95
C ALA A 197 -13.99 -42.84 7.55
N PRO A 198 -15.11 -42.11 7.43
CA PRO A 198 -16.34 -42.80 7.05
C PRO A 198 -16.33 -43.29 5.61
N SER A 199 -15.41 -42.76 4.79
CA SER A 199 -15.31 -43.16 3.39
C SER A 199 -14.04 -42.61 2.72
N ASN A 200 -14.03 -42.66 1.39
CA ASN A 200 -12.90 -42.14 0.64
C ASN A 200 -13.33 -40.96 -0.23
N LEU A 201 -14.53 -40.46 0.05
CA LEU A 201 -15.07 -39.31 -0.67
C LEU A 201 -14.64 -38.08 0.12
N ALA A 202 -13.54 -37.46 -0.33
CA ALA A 202 -13.00 -36.27 0.32
C ALA A 202 -13.56 -34.98 -0.27
N VAL A 203 -13.79 -34.00 0.60
CA VAL A 203 -14.32 -32.71 0.20
C VAL A 203 -13.24 -31.83 -0.43
N ILE A 204 -13.57 -31.12 -1.51
CA ILE A 204 -12.58 -30.19 -2.08
C ILE A 204 -13.15 -28.76 -2.02
N GLY A 205 -12.27 -27.77 -2.18
CA GLY A 205 -12.65 -26.37 -2.08
C GLY A 205 -13.66 -25.76 -3.04
N ARG A 206 -14.88 -26.27 -3.01
CA ARG A 206 -15.94 -25.76 -3.88
C ARG A 206 -17.29 -25.96 -3.19
N TYR A 207 -18.08 -24.89 -3.05
CA TYR A 207 -19.38 -25.01 -2.41
C TYR A 207 -20.43 -24.05 -2.94
N ILE A 208 -21.68 -24.45 -2.78
CA ILE A 208 -22.82 -23.62 -3.10
C ILE A 208 -23.52 -23.77 -1.75
N LEU A 209 -23.74 -22.67 -1.03
CA LEU A 209 -24.39 -22.75 0.28
C LEU A 209 -25.66 -21.93 0.34
N THR A 210 -26.68 -22.42 1.03
CA THR A 210 -27.93 -21.67 1.17
C THR A 210 -27.68 -20.73 2.35
N PRO A 211 -28.26 -19.52 2.31
CA PRO A 211 -28.06 -18.52 3.37
C PRO A 211 -28.22 -18.88 4.85
N ASP A 212 -29.00 -19.90 5.16
CA ASP A 212 -29.14 -20.25 6.57
C ASP A 212 -27.80 -20.73 7.12
N ILE A 213 -26.83 -20.94 6.23
CA ILE A 213 -25.51 -21.39 6.67
C ILE A 213 -24.89 -20.41 7.67
N PHE A 214 -25.20 -19.11 7.55
CA PHE A 214 -24.66 -18.09 8.45
C PHE A 214 -25.10 -18.26 9.90
N GLU A 215 -26.41 -18.36 10.13
CA GLU A 215 -26.93 -18.55 11.48
C GLU A 215 -26.32 -19.81 12.10
N ILE A 216 -26.16 -20.86 11.30
CA ILE A 216 -25.57 -22.10 11.78
C ILE A 216 -24.12 -21.85 12.19
N LEU A 217 -23.41 -21.04 11.40
CA LEU A 217 -22.01 -20.73 11.69
C LEU A 217 -21.88 -19.95 12.99
N SER A 218 -22.82 -19.07 13.25
CA SER A 218 -22.79 -18.25 14.46
C SER A 218 -22.87 -19.04 15.77
N GLU A 219 -23.32 -20.29 15.69
CA GLU A 219 -23.44 -21.12 16.88
C GLU A 219 -22.50 -22.33 16.82
N THR A 220 -21.67 -22.39 15.78
CA THR A 220 -20.72 -23.50 15.63
C THR A 220 -19.44 -23.23 16.44
N LYS A 221 -19.17 -24.12 17.38
CA LYS A 221 -17.98 -24.01 18.25
C LYS A 221 -16.71 -24.44 17.53
N PRO A 222 -15.55 -23.92 17.96
CA PRO A 222 -14.28 -24.30 17.34
C PRO A 222 -14.09 -25.82 17.36
N GLY A 223 -13.80 -26.39 16.19
CA GLY A 223 -13.59 -27.83 16.09
C GLY A 223 -12.12 -28.21 15.92
N LYS A 224 -11.80 -29.01 14.91
CA LYS A 224 -10.41 -29.44 14.66
C LYS A 224 -9.47 -28.23 14.61
N ASN A 225 -8.29 -28.39 15.22
CA ASN A 225 -7.26 -27.34 15.25
C ASN A 225 -7.79 -26.07 15.92
N ASN A 226 -8.82 -26.24 16.76
CA ASN A 226 -9.47 -25.14 17.47
C ASN A 226 -9.93 -24.01 16.52
N GLU A 227 -10.38 -24.41 15.34
CA GLU A 227 -10.87 -23.47 14.33
C GLU A 227 -12.33 -23.80 13.99
N ILE A 228 -13.12 -22.77 13.73
CA ILE A 228 -14.51 -22.99 13.35
C ILE A 228 -14.49 -23.57 11.93
N GLN A 229 -14.96 -24.79 11.79
CA GLN A 229 -14.97 -25.51 10.52
C GLN A 229 -16.26 -25.39 9.75
N ILE A 230 -16.17 -25.12 8.46
CA ILE A 230 -17.38 -25.04 7.64
C ILE A 230 -17.90 -26.47 7.57
N THR A 231 -16.98 -27.41 7.77
CA THR A 231 -17.30 -28.84 7.76
C THR A 231 -18.32 -29.17 8.86
N ASP A 232 -18.05 -28.70 10.08
CA ASP A 232 -18.95 -28.96 11.20
C ASP A 232 -20.30 -28.27 11.01
N ALA A 233 -20.28 -27.10 10.37
CA ALA A 233 -21.51 -26.35 10.10
C ALA A 233 -22.31 -27.07 9.02
N LEU A 234 -21.61 -27.64 8.04
CA LEU A 234 -22.24 -28.39 6.97
C LEU A 234 -22.81 -29.70 7.52
N ARG A 235 -22.15 -30.24 8.53
CA ARG A 235 -22.60 -31.46 9.17
C ARG A 235 -23.92 -31.14 9.86
N THR A 236 -23.96 -29.99 10.52
CA THR A 236 -25.17 -29.55 11.19
C THR A 236 -26.28 -29.39 10.15
N GLN A 237 -25.97 -28.69 9.06
CA GLN A 237 -26.97 -28.46 8.02
C GLN A 237 -27.46 -29.76 7.41
N ALA A 238 -26.53 -30.69 7.19
CA ALA A 238 -26.85 -31.98 6.58
C ALA A 238 -27.86 -32.79 7.39
N LYS A 239 -27.75 -32.72 8.72
CA LYS A 239 -28.65 -33.44 9.62
C LYS A 239 -29.99 -32.71 9.79
N ARG A 240 -30.04 -31.45 9.35
CA ARG A 240 -31.25 -30.64 9.46
C ARG A 240 -32.18 -30.81 8.26
N LYS A 241 -31.60 -30.97 7.09
CA LYS A 241 -32.35 -31.12 5.87
C LYS A 241 -31.43 -31.71 4.82
N ARG A 242 -31.91 -31.79 3.59
CA ARG A 242 -31.12 -32.33 2.50
C ARG A 242 -30.03 -31.40 1.99
N ILE A 243 -28.81 -31.91 1.91
CA ILE A 243 -27.67 -31.19 1.34
C ILE A 243 -26.87 -32.30 0.65
N ILE A 244 -26.27 -31.99 -0.48
CA ILE A 244 -25.56 -33.02 -1.21
C ILE A 244 -24.07 -32.83 -1.43
N ALA A 245 -23.47 -33.88 -1.99
CA ALA A 245 -22.07 -33.91 -2.33
C ALA A 245 -22.02 -34.25 -3.81
N TYR A 246 -21.28 -33.47 -4.57
CA TYR A 246 -21.17 -33.70 -6.00
C TYR A 246 -19.75 -34.12 -6.40
N GLN A 247 -19.65 -35.26 -7.07
CA GLN A 247 -18.36 -35.78 -7.52
C GLN A 247 -18.06 -35.15 -8.89
N PHE A 248 -17.40 -34.00 -8.84
CA PHE A 248 -17.07 -33.21 -10.02
C PHE A 248 -16.18 -33.88 -11.07
N LYS A 249 -16.30 -33.38 -12.29
CA LYS A 249 -15.49 -33.87 -13.38
C LYS A 249 -14.38 -32.84 -13.52
N GLY A 250 -13.16 -33.32 -13.74
CA GLY A 250 -12.02 -32.43 -13.89
C GLY A 250 -10.84 -32.85 -13.04
N LYS A 251 -9.70 -32.23 -13.29
CA LYS A 251 -8.49 -32.53 -12.54
C LYS A 251 -8.29 -31.51 -11.44
N ARG A 252 -7.90 -31.99 -10.25
CA ARG A 252 -7.66 -31.10 -9.12
C ARG A 252 -6.29 -31.26 -8.45
N TYR A 253 -5.59 -30.14 -8.28
CA TYR A 253 -4.29 -30.14 -7.64
C TYR A 253 -4.44 -29.43 -6.28
N ASP A 254 -4.03 -30.09 -5.21
CA ASP A 254 -4.11 -29.44 -3.90
C ASP A 254 -2.89 -28.53 -3.78
N CYS A 255 -3.01 -27.33 -4.31
CA CYS A 255 -1.92 -26.38 -4.29
C CYS A 255 -1.83 -25.76 -2.90
N GLY A 256 -2.63 -26.29 -1.98
CA GLY A 256 -2.59 -25.85 -0.61
C GLY A 256 -1.41 -26.56 0.03
N SER A 257 -0.88 -27.54 -0.69
CA SER A 257 0.27 -28.31 -0.24
C SER A 257 1.42 -28.08 -1.23
N VAL A 258 2.65 -28.06 -0.73
CA VAL A 258 3.80 -27.82 -1.61
C VAL A 258 3.89 -28.88 -2.71
N GLU A 259 3.49 -30.11 -2.40
CA GLU A 259 3.53 -31.20 -3.36
C GLU A 259 2.58 -30.93 -4.53
N GLY A 260 1.38 -30.46 -4.20
CA GLY A 260 0.41 -30.17 -5.25
C GLY A 260 0.74 -28.87 -5.98
N TYR A 261 1.47 -27.99 -5.31
CA TYR A 261 1.88 -26.71 -5.91
C TYR A 261 2.90 -26.98 -7.00
N ILE A 262 3.86 -27.85 -6.69
CA ILE A 262 4.90 -28.21 -7.63
C ILE A 262 4.32 -28.99 -8.82
N GLU A 263 3.45 -29.96 -8.52
CA GLU A 263 2.85 -30.76 -9.59
C GLU A 263 2.09 -29.90 -10.59
N ALA A 264 1.25 -29.00 -10.09
CA ALA A 264 0.45 -28.14 -10.96
C ALA A 264 1.37 -27.26 -11.81
N SER A 265 2.43 -26.75 -11.18
CA SER A 265 3.40 -25.92 -11.87
C SER A 265 4.03 -26.71 -13.01
N ASN A 266 4.61 -27.87 -12.71
CA ASN A 266 5.21 -28.69 -13.76
C ASN A 266 4.17 -29.01 -14.82
N ALA A 267 2.96 -29.33 -14.36
CA ALA A 267 1.88 -29.66 -15.26
C ALA A 267 1.60 -28.51 -16.22
N TYR A 268 1.59 -27.28 -15.71
CA TYR A 268 1.34 -26.13 -16.55
C TYR A 268 2.48 -25.90 -17.54
N TYR A 269 3.70 -26.11 -17.08
CA TYR A 269 4.88 -25.92 -17.92
C TYR A 269 4.85 -26.87 -19.10
N LYS A 270 4.59 -28.14 -18.81
CA LYS A 270 4.52 -29.16 -19.84
C LYS A 270 3.44 -28.81 -20.85
N LYS A 271 2.60 -27.83 -20.51
CA LYS A 271 1.53 -27.39 -21.41
C LYS A 271 1.94 -26.09 -22.11
N ARG A 272 2.57 -25.19 -21.38
CA ARG A 272 3.02 -23.92 -21.94
C ARG A 272 4.03 -24.23 -23.05
N LEU A 273 4.76 -25.32 -22.86
CA LEU A 273 5.77 -25.78 -23.80
C LEU A 273 5.13 -26.01 -25.17
N MET B 1 36.16 -1.84 2.64
CA MET B 1 35.47 -2.98 1.97
C MET B 1 34.11 -2.57 1.39
N ILE B 2 33.52 -3.47 0.59
CA ILE B 2 32.23 -3.21 -0.05
C ILE B 2 31.08 -3.36 0.94
N LYS B 3 30.43 -2.24 1.25
CA LYS B 3 29.33 -2.20 2.21
C LYS B 3 27.93 -2.22 1.61
N LYS B 4 27.80 -1.75 0.37
CA LYS B 4 26.51 -1.69 -0.29
C LYS B 4 26.34 -2.66 -1.45
N CYS B 5 25.11 -3.14 -1.61
CA CYS B 5 24.77 -4.01 -2.71
C CYS B 5 23.51 -3.45 -3.36
N LEU B 6 23.57 -3.25 -4.68
CA LEU B 6 22.44 -2.70 -5.45
C LEU B 6 21.63 -3.87 -6.02
N PHE B 7 20.30 -3.76 -5.95
CA PHE B 7 19.41 -4.80 -6.45
C PHE B 7 18.36 -4.20 -7.40
N PRO B 8 18.62 -4.25 -8.72
CA PRO B 8 17.64 -3.71 -9.67
C PRO B 8 16.41 -4.59 -9.60
N ALA B 9 15.24 -3.99 -9.44
CA ALA B 9 14.01 -4.76 -9.37
C ALA B 9 12.89 -4.00 -10.08
N ALA B 10 13.27 -3.25 -11.10
CA ALA B 10 12.32 -2.42 -11.83
C ALA B 10 11.96 -2.92 -13.24
N GLY B 11 12.54 -4.04 -13.65
CA GLY B 11 12.25 -4.58 -14.97
C GLY B 11 10.81 -5.05 -15.12
N TYR B 12 10.31 -5.10 -16.35
CA TYR B 12 8.94 -5.53 -16.63
C TYR B 12 8.60 -6.99 -16.31
N GLY B 13 9.52 -7.91 -16.58
CA GLY B 13 9.26 -9.31 -16.30
C GLY B 13 8.13 -9.80 -17.18
N THR B 14 8.04 -9.22 -18.37
CA THR B 14 7.02 -9.57 -19.36
C THR B 14 6.83 -11.08 -19.41
N ARG B 15 7.92 -11.80 -19.18
CA ARG B 15 7.90 -13.27 -19.19
C ARG B 15 6.81 -13.85 -18.28
N PHE B 16 6.85 -13.48 -17.00
CA PHE B 16 5.92 -13.97 -15.99
C PHE B 16 4.63 -13.19 -15.87
N LEU B 17 4.20 -12.60 -16.98
CA LEU B 17 2.93 -11.86 -16.99
C LEU B 17 1.87 -12.98 -17.00
N PRO B 18 0.69 -12.77 -16.38
CA PRO B 18 0.22 -11.58 -15.67
C PRO B 18 0.61 -11.28 -14.22
N ILE B 19 1.01 -12.26 -13.41
CA ILE B 19 1.31 -11.95 -12.02
C ILE B 19 2.35 -10.84 -11.79
N THR B 20 3.26 -10.67 -12.71
CA THR B 20 4.27 -9.64 -12.56
C THR B 20 3.67 -8.25 -12.80
N LYS B 21 2.35 -8.21 -12.90
CA LYS B 21 1.60 -6.98 -13.10
C LYS B 21 1.58 -6.27 -11.75
N THR B 22 1.53 -7.07 -10.70
CA THR B 22 1.46 -6.57 -9.33
C THR B 22 2.71 -6.89 -8.53
N ILE B 23 3.28 -8.07 -8.76
CA ILE B 23 4.47 -8.50 -8.04
C ILE B 23 5.71 -8.58 -8.94
N PRO B 24 6.83 -7.97 -8.50
CA PRO B 24 8.08 -7.99 -9.27
C PRO B 24 8.58 -9.43 -9.37
N LYS B 25 9.23 -9.78 -10.48
CA LYS B 25 9.71 -11.14 -10.62
C LYS B 25 10.74 -11.49 -9.54
N GLU B 26 11.48 -10.49 -9.06
CA GLU B 26 12.47 -10.73 -8.01
C GLU B 26 11.75 -11.22 -6.75
N MET B 27 10.43 -11.01 -6.71
CA MET B 27 9.63 -11.46 -5.57
C MET B 27 8.96 -12.81 -5.79
N LEU B 28 9.10 -13.38 -6.99
CA LEU B 28 8.50 -14.69 -7.27
C LEU B 28 9.15 -15.72 -6.36
N PRO B 29 8.35 -16.65 -5.81
CA PRO B 29 8.87 -17.67 -4.90
C PRO B 29 9.49 -18.90 -5.58
N ILE B 30 10.50 -19.48 -4.94
CA ILE B 30 11.05 -20.70 -5.47
C ILE B 30 9.92 -21.65 -5.08
N VAL B 31 9.63 -21.76 -3.79
CA VAL B 31 8.48 -22.55 -3.36
C VAL B 31 7.84 -21.78 -2.22
N ASP B 32 8.67 -21.36 -1.28
CA ASP B 32 8.24 -20.62 -0.12
C ASP B 32 9.11 -19.37 0.12
N LYS B 33 10.10 -19.16 -0.74
CA LYS B 33 11.04 -18.05 -0.60
C LYS B 33 11.22 -17.25 -1.88
N PRO B 34 11.11 -15.91 -1.80
CA PRO B 34 11.28 -15.08 -2.99
C PRO B 34 12.74 -14.97 -3.40
N LEU B 35 12.99 -14.90 -4.70
CA LEU B 35 14.35 -14.78 -5.24
C LEU B 35 15.20 -13.75 -4.46
N ILE B 36 14.70 -12.52 -4.37
CA ILE B 36 15.39 -11.42 -3.71
C ILE B 36 15.89 -11.78 -2.30
N GLN B 37 15.24 -12.72 -1.61
CA GLN B 37 15.71 -13.07 -0.28
C GLN B 37 17.01 -13.88 -0.34
N TYR B 38 17.17 -14.70 -1.38
CA TYR B 38 18.37 -15.49 -1.56
C TYR B 38 19.53 -14.56 -1.85
N ALA B 39 19.27 -13.56 -2.69
CA ALA B 39 20.28 -12.59 -3.08
C ALA B 39 20.76 -11.78 -1.87
N VAL B 40 19.84 -11.42 -0.99
CA VAL B 40 20.18 -10.63 0.20
C VAL B 40 21.05 -11.44 1.15
N GLU B 41 20.71 -12.70 1.34
CA GLU B 41 21.49 -13.58 2.22
C GLU B 41 22.90 -13.68 1.64
N GLU B 42 22.99 -13.89 0.32
CA GLU B 42 24.28 -13.96 -0.37
C GLU B 42 25.10 -12.69 -0.11
N ALA B 43 24.50 -11.52 -0.34
CA ALA B 43 25.18 -10.24 -0.13
C ALA B 43 25.67 -10.09 1.30
N MET B 44 24.84 -10.48 2.26
CA MET B 44 25.19 -10.39 3.68
C MET B 44 26.44 -11.20 3.96
N GLU B 45 26.47 -12.41 3.45
CA GLU B 45 27.62 -13.28 3.65
C GLU B 45 28.86 -12.65 3.03
N ALA B 46 28.66 -11.81 2.03
CA ALA B 46 29.76 -11.14 1.36
C ALA B 46 30.26 -9.96 2.15
N GLY B 47 29.58 -9.62 3.24
CA GLY B 47 29.99 -8.50 4.06
C GLY B 47 29.18 -7.22 3.85
N CYS B 48 28.16 -7.29 3.00
CA CYS B 48 27.31 -6.13 2.75
C CYS B 48 26.32 -5.90 3.87
N GLU B 49 26.08 -4.64 4.17
CA GLU B 49 25.18 -4.26 5.25
C GLU B 49 24.09 -3.32 4.79
N VAL B 50 24.29 -2.74 3.62
CA VAL B 50 23.30 -1.82 3.06
C VAL B 50 22.75 -2.45 1.77
N MET B 51 21.45 -2.72 1.77
CA MET B 51 20.78 -3.31 0.63
C MET B 51 20.00 -2.18 -0.07
N ALA B 52 20.53 -1.73 -1.20
CA ALA B 52 19.94 -0.66 -1.97
C ALA B 52 19.15 -1.27 -3.11
N ILE B 53 17.86 -1.01 -3.10
CA ILE B 53 16.94 -1.57 -4.09
C ILE B 53 16.40 -0.55 -5.08
N VAL B 54 16.46 -0.89 -6.36
CA VAL B 54 15.92 0.02 -7.38
C VAL B 54 14.57 -0.55 -7.78
N THR B 55 13.56 0.24 -7.45
CA THR B 55 12.16 -0.12 -7.64
C THR B 55 11.46 0.40 -8.90
N GLY B 56 10.40 -0.30 -9.28
CA GLY B 56 9.63 0.10 -10.43
C GLY B 56 8.20 0.42 -10.02
N ARG B 57 7.26 0.13 -10.91
CA ARG B 57 5.85 0.40 -10.66
C ARG B 57 5.27 -0.43 -9.51
N ASN B 58 5.91 -1.54 -9.15
CA ASN B 58 5.44 -2.42 -8.08
C ASN B 58 6.43 -2.54 -6.93
N LYS B 59 6.49 -1.54 -6.06
CA LYS B 59 7.44 -1.62 -4.96
C LYS B 59 6.81 -2.07 -3.64
N ARG B 60 5.49 -1.95 -3.53
CA ARG B 60 4.78 -2.31 -2.32
C ARG B 60 5.13 -3.70 -1.78
N SER B 61 5.03 -4.74 -2.61
CA SER B 61 5.35 -6.09 -2.14
C SER B 61 6.80 -6.26 -1.69
N LEU B 62 7.73 -5.68 -2.44
CA LEU B 62 9.13 -5.78 -2.09
C LEU B 62 9.47 -5.01 -0.83
N GLU B 63 8.96 -3.78 -0.71
CA GLU B 63 9.24 -2.99 0.49
C GLU B 63 8.61 -3.63 1.72
N ASP B 64 7.33 -3.99 1.60
CA ASP B 64 6.63 -4.64 2.70
C ASP B 64 7.33 -5.94 3.12
N TYR B 65 7.89 -6.68 2.17
CA TYR B 65 8.54 -7.93 2.53
C TYR B 65 9.74 -7.70 3.46
N PHE B 66 10.49 -6.63 3.20
CA PHE B 66 11.66 -6.34 4.02
C PHE B 66 11.41 -5.31 5.12
N ASP B 67 10.17 -5.17 5.52
CA ASP B 67 9.78 -4.23 6.57
C ASP B 67 9.25 -5.07 7.74
N THR B 68 9.45 -4.60 8.98
CA THR B 68 8.98 -5.36 10.13
C THR B 68 7.49 -5.67 9.96
N SER B 69 7.04 -6.79 10.53
CA SER B 69 5.65 -7.21 10.41
C SER B 69 5.01 -7.61 11.75
N TYR B 70 4.81 -8.92 11.94
CA TYR B 70 4.19 -9.46 13.15
C TYR B 70 3.06 -8.57 13.66
N ASN B 80 7.42 -25.50 12.07
CA ASN B 80 8.57 -24.87 11.48
C ASN B 80 8.31 -23.43 11.03
N LYS B 81 7.23 -22.84 11.57
CA LYS B 81 6.89 -21.46 11.25
C LYS B 81 8.11 -20.59 11.61
N GLU B 82 8.79 -20.98 12.69
CA GLU B 82 9.97 -20.27 13.16
C GLU B 82 11.18 -20.60 12.29
N ASN B 83 11.29 -21.86 11.88
CA ASN B 83 12.39 -22.25 11.01
C ASN B 83 12.25 -21.51 9.68
N ALA B 84 11.02 -21.15 9.34
CA ALA B 84 10.74 -20.47 8.09
C ALA B 84 11.02 -18.96 8.14
N LEU B 85 10.72 -18.33 9.28
CA LEU B 85 10.91 -16.88 9.46
C LEU B 85 12.25 -16.45 10.06
N LYS B 86 13.10 -17.41 10.45
CA LYS B 86 14.39 -17.09 11.04
C LYS B 86 15.25 -16.16 10.20
N SER B 87 15.50 -16.56 8.96
CA SER B 87 16.34 -15.78 8.08
C SER B 87 15.85 -14.35 7.82
N ILE B 88 14.63 -14.22 7.30
CA ILE B 88 14.10 -12.90 6.99
C ILE B 88 14.08 -12.02 8.25
N ARG B 89 13.77 -12.60 9.40
CA ARG B 89 13.75 -11.85 10.65
C ARG B 89 15.15 -11.30 10.88
N ASN B 90 16.14 -12.18 10.72
CA ASN B 90 17.55 -11.82 10.87
C ASN B 90 17.89 -10.67 9.92
N ILE B 91 17.58 -10.86 8.64
CA ILE B 91 17.83 -9.87 7.61
C ILE B 91 17.26 -8.50 7.96
N ILE B 92 15.97 -8.48 8.23
CA ILE B 92 15.28 -7.24 8.56
C ILE B 92 15.90 -6.53 9.76
N GLU B 93 16.36 -7.30 10.73
CA GLU B 93 16.93 -6.72 11.94
C GLU B 93 18.40 -6.31 11.79
N LYS B 94 19.09 -6.86 10.79
CA LYS B 94 20.50 -6.53 10.61
C LYS B 94 20.84 -5.58 9.46
N CYS B 95 20.10 -5.65 8.36
CA CYS B 95 20.40 -4.83 7.20
C CYS B 95 19.74 -3.47 7.15
N CYS B 96 20.30 -2.58 6.34
CA CYS B 96 19.71 -1.27 6.14
C CYS B 96 19.21 -1.30 4.71
N PHE B 97 17.90 -1.18 4.53
CA PHE B 97 17.34 -1.17 3.19
C PHE B 97 17.05 0.26 2.74
N SER B 98 17.44 0.59 1.51
CA SER B 98 17.16 1.92 0.97
C SER B 98 16.48 1.73 -0.38
N TYR B 99 15.69 2.72 -0.77
CA TYR B 99 14.95 2.64 -2.02
C TYR B 99 15.01 3.86 -2.93
N VAL B 100 14.96 3.60 -4.24
CA VAL B 100 14.91 4.65 -5.25
C VAL B 100 14.12 4.11 -6.43
N ARG B 101 13.32 5.00 -7.02
CA ARG B 101 12.46 4.65 -8.13
C ARG B 101 13.07 4.91 -9.50
N GLN B 102 13.00 3.91 -10.39
CA GLN B 102 13.49 4.07 -11.74
C GLN B 102 12.24 4.54 -12.48
N LYS B 103 12.26 5.76 -12.99
CA LYS B 103 11.07 6.31 -13.67
C LYS B 103 10.59 5.51 -14.87
N GLN B 104 11.46 5.33 -15.86
CA GLN B 104 11.07 4.57 -17.05
C GLN B 104 11.98 3.35 -17.15
N MET B 105 11.45 2.24 -17.65
CA MET B 105 12.28 1.05 -17.79
C MET B 105 13.15 1.33 -19.02
N LYS B 106 14.35 1.81 -18.78
CA LYS B 106 15.24 2.15 -19.87
C LYS B 106 16.45 1.24 -19.95
N GLY B 107 16.42 0.13 -19.20
CA GLY B 107 17.53 -0.81 -19.22
C GLY B 107 18.23 -1.00 -17.90
N LEU B 108 18.93 -2.12 -17.77
CA LEU B 108 19.68 -2.46 -16.56
C LEU B 108 20.72 -1.39 -16.22
N GLY B 109 21.42 -0.90 -17.23
CA GLY B 109 22.44 0.11 -17.01
C GLY B 109 21.84 1.39 -16.45
N HIS B 110 20.67 1.76 -16.96
CA HIS B 110 19.99 2.96 -16.51
C HIS B 110 19.49 2.76 -15.08
N ALA B 111 19.01 1.55 -14.79
CA ALA B 111 18.54 1.25 -13.43
C ALA B 111 19.72 1.46 -12.46
N ILE B 112 20.89 0.96 -12.86
CA ILE B 112 22.10 1.09 -12.05
C ILE B 112 22.53 2.56 -11.92
N LEU B 113 22.35 3.35 -12.99
CA LEU B 113 22.70 4.76 -12.94
C LEU B 113 21.77 5.40 -11.89
N THR B 114 20.48 5.05 -11.95
CA THR B 114 19.52 5.59 -11.00
C THR B 114 19.99 5.27 -9.58
N GLY B 115 20.52 4.06 -9.39
CA GLY B 115 20.98 3.66 -8.09
C GLY B 115 22.15 4.48 -7.57
N GLU B 116 22.65 5.42 -8.36
CA GLU B 116 23.78 6.22 -7.89
C GLU B 116 23.42 6.96 -6.60
N ALA B 117 22.20 7.49 -6.52
CA ALA B 117 21.78 8.22 -5.33
C ALA B 117 21.91 7.38 -4.05
N LEU B 118 21.73 6.08 -4.17
CA LEU B 118 21.83 5.19 -3.02
C LEU B 118 23.25 4.69 -2.79
N ILE B 119 24.13 4.92 -3.76
CA ILE B 119 25.51 4.44 -3.63
C ILE B 119 26.57 5.48 -3.34
N GLY B 120 26.59 6.54 -4.14
CA GLY B 120 27.59 7.56 -3.96
C GLY B 120 28.88 7.10 -4.61
N ASN B 121 29.96 7.80 -4.29
CA ASN B 121 31.27 7.50 -4.84
C ASN B 121 32.05 6.41 -4.08
N GLU B 122 31.69 5.15 -4.30
CA GLU B 122 32.38 4.06 -3.64
C GLU B 122 32.16 2.76 -4.40
N PRO B 123 33.10 1.81 -4.28
CA PRO B 123 32.94 0.52 -4.97
C PRO B 123 31.69 -0.15 -4.39
N PHE B 124 30.93 -0.85 -5.23
CA PHE B 124 29.71 -1.49 -4.73
C PHE B 124 29.39 -2.76 -5.50
N ALA B 125 28.53 -3.59 -4.91
CA ALA B 125 28.12 -4.84 -5.52
C ALA B 125 26.75 -4.66 -6.18
N VAL B 126 26.46 -5.54 -7.14
CA VAL B 126 25.19 -5.54 -7.83
C VAL B 126 24.75 -6.99 -7.98
N ILE B 127 23.53 -7.28 -7.58
CA ILE B 127 23.04 -8.65 -7.75
C ILE B 127 21.74 -8.61 -8.53
N LEU B 128 21.68 -9.37 -9.62
CA LEU B 128 20.44 -9.47 -10.39
C LEU B 128 19.79 -10.71 -9.76
N ALA B 129 18.76 -10.47 -8.95
CA ALA B 129 18.06 -11.53 -8.23
C ALA B 129 17.46 -12.67 -9.05
N ASP B 130 17.16 -12.46 -10.34
CA ASP B 130 16.57 -13.57 -11.08
C ASP B 130 17.60 -14.66 -11.35
N ASP B 131 18.86 -14.36 -11.05
CA ASP B 131 19.91 -15.38 -11.18
C ASP B 131 20.11 -15.94 -9.78
N LEU B 132 19.56 -17.13 -9.56
CA LEU B 132 19.65 -17.83 -8.29
C LEU B 132 20.94 -18.59 -8.23
N CYS B 133 21.84 -18.18 -7.33
CA CYS B 133 23.11 -18.84 -7.18
C CYS B 133 23.16 -19.60 -5.86
N ILE B 134 23.34 -20.92 -5.97
CA ILE B 134 23.40 -21.78 -4.82
C ILE B 134 24.80 -22.36 -4.68
N SER B 135 25.50 -21.91 -3.65
CA SER B 135 26.86 -22.38 -3.39
C SER B 135 26.82 -23.55 -2.40
N HIS B 136 27.27 -24.69 -2.87
CA HIS B 136 27.32 -25.88 -2.06
C HIS B 136 28.36 -25.67 -0.97
N ASP B 137 29.56 -26.21 -1.20
CA ASP B 137 30.63 -26.10 -0.23
C ASP B 137 31.42 -24.80 -0.34
N HIS B 138 31.20 -24.03 -1.40
CA HIS B 138 31.92 -22.78 -1.54
C HIS B 138 31.14 -21.63 -0.90
N PRO B 139 31.80 -20.50 -0.59
CA PRO B 139 31.07 -19.38 0.01
C PRO B 139 30.17 -18.84 -1.08
N SER B 140 29.32 -17.86 -0.78
CA SER B 140 28.42 -17.32 -1.79
C SER B 140 29.21 -16.74 -2.97
N VAL B 141 28.57 -16.65 -4.13
CA VAL B 141 29.24 -16.12 -5.31
C VAL B 141 29.76 -14.71 -5.05
N LEU B 142 28.98 -13.90 -4.33
CA LEU B 142 29.37 -12.53 -4.02
C LEU B 142 30.56 -12.48 -3.06
N LYS B 143 30.57 -13.40 -2.09
CA LYS B 143 31.67 -13.48 -1.14
C LYS B 143 32.96 -13.84 -1.88
N GLN B 144 32.86 -14.72 -2.87
CA GLN B 144 34.00 -15.13 -3.69
C GLN B 144 34.54 -13.91 -4.46
N MET B 145 33.61 -13.09 -4.93
CA MET B 145 33.96 -11.90 -5.70
C MET B 145 34.51 -10.81 -4.78
N THR B 146 33.91 -10.69 -3.60
CA THR B 146 34.35 -9.70 -2.63
C THR B 146 35.81 -9.93 -2.29
N SER B 147 36.19 -11.20 -2.22
CA SER B 147 37.56 -11.57 -1.92
C SER B 147 38.45 -11.20 -3.10
N LEU B 148 38.00 -11.53 -4.31
CA LEU B 148 38.76 -11.23 -5.51
C LEU B 148 39.06 -9.74 -5.67
N TYR B 149 38.04 -8.90 -5.45
CA TYR B 149 38.18 -7.46 -5.57
C TYR B 149 39.35 -6.99 -4.71
N GLN B 150 39.41 -7.52 -3.48
CA GLN B 150 40.44 -7.21 -2.51
C GLN B 150 41.83 -7.28 -3.15
N LYS B 151 42.02 -8.26 -4.01
CA LYS B 151 43.28 -8.41 -4.69
C LYS B 151 43.39 -7.51 -5.92
N TYR B 152 42.36 -7.54 -6.75
CA TYR B 152 42.34 -6.77 -7.99
C TYR B 152 41.93 -5.29 -7.97
N GLN B 153 41.05 -4.92 -7.07
CA GLN B 153 40.63 -3.52 -6.95
C GLN B 153 40.13 -2.93 -8.27
N CYS B 154 39.25 -3.68 -8.94
CA CYS B 154 38.68 -3.22 -10.20
C CYS B 154 37.33 -3.92 -10.38
N SER B 155 36.56 -3.50 -11.38
CA SER B 155 35.27 -4.12 -11.60
C SER B 155 35.43 -5.59 -11.85
N ILE B 156 34.49 -6.36 -11.34
CA ILE B 156 34.50 -7.81 -11.50
C ILE B 156 33.13 -8.24 -12.01
N VAL B 157 33.13 -9.11 -13.01
CA VAL B 157 31.88 -9.59 -13.58
C VAL B 157 31.88 -11.12 -13.60
N ALA B 158 30.90 -11.70 -12.92
CA ALA B 158 30.78 -13.16 -12.85
C ALA B 158 30.42 -13.72 -14.21
N ILE B 159 31.04 -14.84 -14.56
CA ILE B 159 30.76 -15.50 -15.83
C ILE B 159 30.64 -16.99 -15.62
N GLU B 160 30.06 -17.65 -16.61
CA GLU B 160 29.86 -19.09 -16.58
C GLU B 160 29.98 -19.59 -18.00
N GLU B 161 30.62 -20.73 -18.19
CA GLU B 161 30.73 -21.26 -19.55
C GLU B 161 29.40 -21.93 -19.88
N VAL B 162 28.67 -21.38 -20.85
CA VAL B 162 27.39 -21.93 -21.26
C VAL B 162 27.51 -22.61 -22.61
N ALA B 163 26.42 -23.21 -23.05
CA ALA B 163 26.41 -23.89 -24.35
C ALA B 163 26.18 -22.82 -25.39
N LEU B 164 26.83 -22.95 -26.53
CA LEU B 164 26.71 -21.97 -27.62
C LEU B 164 25.28 -21.62 -28.04
N GLU B 165 24.38 -22.58 -27.98
CA GLU B 165 23.01 -22.32 -28.36
C GLU B 165 22.29 -21.41 -27.35
N GLU B 166 22.86 -21.26 -26.16
CA GLU B 166 22.27 -20.42 -25.11
C GLU B 166 22.85 -19.00 -25.09
N VAL B 167 24.07 -18.87 -25.62
CA VAL B 167 24.77 -17.60 -25.63
C VAL B 167 23.95 -16.34 -25.96
N SER B 168 22.99 -16.45 -26.87
CA SER B 168 22.19 -15.29 -27.29
C SER B 168 21.31 -14.61 -26.27
N LYS B 169 21.24 -15.12 -25.05
CA LYS B 169 20.40 -14.46 -24.07
C LYS B 169 21.22 -13.82 -22.95
N TYR B 170 22.54 -13.77 -23.15
CA TYR B 170 23.42 -13.22 -22.13
C TYR B 170 24.48 -12.30 -22.72
N GLY B 171 25.16 -11.59 -21.83
CA GLY B 171 26.26 -10.77 -22.28
C GLY B 171 27.39 -11.78 -22.43
N VAL B 172 28.25 -11.56 -23.41
CA VAL B 172 29.36 -12.47 -23.66
C VAL B 172 30.67 -11.69 -23.69
N ILE B 173 31.71 -12.26 -23.09
CA ILE B 173 33.00 -11.57 -23.05
C ILE B 173 34.02 -12.20 -23.99
N ARG B 174 35.10 -11.45 -24.15
CA ARG B 174 36.27 -11.89 -24.91
C ARG B 174 37.29 -11.61 -23.81
N GLY B 175 37.92 -12.64 -23.28
CA GLY B 175 38.86 -12.42 -22.20
C GLY B 175 40.20 -13.12 -22.34
N GLU B 176 41.10 -12.77 -21.44
CA GLU B 176 42.44 -13.34 -21.42
C GLU B 176 42.77 -13.86 -20.05
N TRP B 177 43.16 -15.12 -20.02
CA TRP B 177 43.47 -15.84 -18.80
C TRP B 177 44.61 -15.24 -17.95
N LEU B 178 44.26 -14.82 -16.74
CA LEU B 178 45.21 -14.25 -15.80
C LEU B 178 45.61 -15.32 -14.79
N GLU B 179 44.61 -16.07 -14.32
CA GLU B 179 44.82 -17.14 -13.37
C GLU B 179 43.59 -18.02 -13.35
N GLU B 180 43.58 -19.02 -12.48
CA GLU B 180 42.45 -19.94 -12.39
C GLU B 180 41.09 -19.23 -12.34
N GLY B 181 40.30 -19.44 -13.39
CA GLY B 181 38.98 -18.84 -13.48
C GLY B 181 38.95 -17.31 -13.41
N VAL B 182 39.96 -16.66 -13.98
CA VAL B 182 40.02 -15.20 -13.96
C VAL B 182 40.47 -14.65 -15.31
N TYR B 183 39.61 -13.84 -15.93
CA TYR B 183 39.92 -13.24 -17.22
C TYR B 183 39.93 -11.72 -17.22
N GLU B 184 40.93 -11.13 -17.88
CA GLU B 184 40.98 -9.69 -18.03
C GLU B 184 40.06 -9.52 -19.24
N ILE B 185 39.05 -8.67 -19.12
CA ILE B 185 38.10 -8.49 -20.21
C ILE B 185 38.65 -7.61 -21.33
N LYS B 186 38.55 -8.13 -22.56
CA LYS B 186 39.02 -7.42 -23.74
C LYS B 186 37.84 -6.79 -24.46
N ASP B 187 36.70 -7.46 -24.44
CA ASP B 187 35.51 -6.94 -25.10
C ASP B 187 34.26 -7.61 -24.52
N MET B 188 33.09 -7.04 -24.80
CA MET B 188 31.84 -7.60 -24.30
C MET B 188 30.72 -7.23 -25.26
N VAL B 189 29.81 -8.16 -25.49
CA VAL B 189 28.68 -7.90 -26.37
C VAL B 189 27.44 -8.47 -25.71
N GLU B 190 26.36 -7.69 -25.73
CA GLU B 190 25.11 -8.12 -25.13
C GLU B 190 24.21 -8.94 -26.07
N LYS B 191 23.97 -10.19 -25.67
CA LYS B 191 23.10 -11.08 -26.43
C LYS B 191 23.44 -11.22 -27.91
N PRO B 192 24.66 -11.68 -28.24
CA PRO B 192 25.07 -11.85 -29.64
C PRO B 192 24.45 -13.13 -30.19
N ASN B 193 24.23 -13.18 -31.50
CA ASN B 193 23.72 -14.41 -32.08
C ASN B 193 24.84 -15.43 -31.94
N GLN B 194 24.48 -16.70 -32.05
CA GLN B 194 25.44 -17.78 -31.93
C GLN B 194 26.66 -17.53 -32.80
N GLU B 195 26.40 -17.35 -34.10
CA GLU B 195 27.43 -17.11 -35.11
C GLU B 195 28.40 -15.97 -34.82
N ASP B 196 28.01 -15.04 -33.97
CA ASP B 196 28.86 -13.88 -33.65
C ASP B 196 29.45 -13.90 -32.25
N ALA B 197 29.13 -14.92 -31.47
CA ALA B 197 29.63 -14.97 -30.10
C ALA B 197 31.16 -15.02 -30.04
N PRO B 198 31.77 -14.12 -29.24
CA PRO B 198 33.23 -14.16 -29.16
C PRO B 198 33.74 -15.32 -28.30
N SER B 199 32.82 -15.97 -27.59
CA SER B 199 33.19 -17.12 -26.76
C SER B 199 31.95 -17.75 -26.13
N ASN B 200 32.17 -18.68 -25.21
CA ASN B 200 31.07 -19.36 -24.54
C ASN B 200 31.04 -19.01 -23.07
N LEU B 201 31.66 -17.88 -22.73
CA LEU B 201 31.72 -17.40 -21.36
C LEU B 201 30.67 -16.31 -21.18
N ALA B 202 29.53 -16.70 -20.61
CA ALA B 202 28.41 -15.79 -20.39
C ALA B 202 28.39 -15.08 -19.03
N VAL B 203 28.04 -13.80 -19.07
CA VAL B 203 27.94 -12.98 -17.85
C VAL B 203 26.73 -13.43 -17.06
N ILE B 204 26.83 -13.43 -15.73
CA ILE B 204 25.67 -13.75 -14.90
C ILE B 204 25.47 -12.55 -13.98
N GLY B 205 24.26 -12.43 -13.41
CA GLY B 205 23.92 -11.29 -12.58
C GLY B 205 24.67 -11.04 -11.30
N ARG B 206 25.98 -10.84 -11.38
CA ARG B 206 26.82 -10.59 -10.22
C ARG B 206 27.98 -9.66 -10.61
N TYR B 207 28.02 -8.46 -10.03
CA TYR B 207 29.07 -7.54 -10.34
C TYR B 207 29.55 -6.79 -9.13
N ILE B 208 30.80 -6.37 -9.20
CA ILE B 208 31.40 -5.51 -8.18
C ILE B 208 31.80 -4.39 -9.13
N LEU B 209 31.45 -3.14 -8.82
CA LEU B 209 31.75 -2.02 -9.70
C LEU B 209 32.44 -0.85 -9.02
N THR B 210 33.45 -0.27 -9.70
CA THR B 210 34.12 0.90 -9.16
C THR B 210 33.21 2.07 -9.57
N PRO B 211 33.07 3.09 -8.69
CA PRO B 211 32.20 4.25 -8.95
C PRO B 211 32.32 5.06 -10.26
N ASP B 212 33.43 4.94 -10.96
CA ASP B 212 33.56 5.67 -12.23
C ASP B 212 32.55 5.13 -13.24
N ILE B 213 31.95 3.97 -12.93
CA ILE B 213 30.97 3.37 -13.83
C ILE B 213 29.73 4.26 -13.99
N PHE B 214 29.46 5.12 -12.99
CA PHE B 214 28.30 6.01 -13.06
C PHE B 214 28.46 7.06 -14.14
N GLU B 215 29.64 7.68 -14.23
CA GLU B 215 29.85 8.68 -15.25
C GLU B 215 29.84 8.01 -16.63
N ILE B 216 30.46 6.82 -16.73
CA ILE B 216 30.46 6.11 -18.00
C ILE B 216 29.02 5.82 -18.44
N LEU B 217 28.23 5.30 -17.49
CA LEU B 217 26.84 4.97 -17.73
C LEU B 217 26.09 6.23 -18.20
N SER B 218 26.44 7.38 -17.61
CA SER B 218 25.82 8.64 -18.00
C SER B 218 26.00 8.88 -19.49
N GLU B 219 27.15 8.44 -20.00
CA GLU B 219 27.51 8.62 -21.41
C GLU B 219 27.10 7.44 -22.29
N THR B 220 26.64 6.35 -21.68
CA THR B 220 26.25 5.17 -22.46
C THR B 220 24.86 5.31 -23.09
N LYS B 221 24.83 5.27 -24.43
CA LYS B 221 23.58 5.41 -25.16
C LYS B 221 22.84 4.06 -25.27
N PRO B 222 21.53 4.10 -25.56
CA PRO B 222 20.78 2.84 -25.67
C PRO B 222 21.41 1.88 -26.68
N GLY B 223 21.41 0.60 -26.36
CA GLY B 223 21.99 -0.42 -27.24
C GLY B 223 21.02 -1.54 -27.59
N LYS B 224 21.31 -2.75 -27.12
CA LYS B 224 20.44 -3.88 -27.39
C LYS B 224 19.01 -3.59 -26.91
N ASN B 225 18.03 -3.95 -27.74
CA ASN B 225 16.61 -3.73 -27.45
C ASN B 225 16.35 -2.31 -26.95
N ASN B 226 17.05 -1.34 -27.54
CA ASN B 226 16.94 0.07 -27.19
C ASN B 226 16.91 0.29 -25.67
N GLU B 227 17.84 -0.33 -24.98
CA GLU B 227 17.96 -0.21 -23.53
C GLU B 227 19.39 0.16 -23.18
N ILE B 228 19.57 0.93 -22.12
CA ILE B 228 20.92 1.29 -21.68
C ILE B 228 21.42 0.04 -20.93
N GLN B 229 22.47 -0.58 -21.49
CA GLN B 229 23.05 -1.83 -21.00
C GLN B 229 24.29 -1.65 -20.14
N ILE B 230 24.34 -2.35 -19.00
CA ILE B 230 25.53 -2.24 -18.13
C ILE B 230 26.71 -2.86 -18.86
N THR B 231 26.43 -3.83 -19.71
CA THR B 231 27.46 -4.51 -20.50
C THR B 231 28.26 -3.53 -21.39
N ASP B 232 27.56 -2.56 -21.98
CA ASP B 232 28.24 -1.57 -22.83
C ASP B 232 29.06 -0.61 -21.99
N ALA B 233 28.57 -0.31 -20.78
CA ALA B 233 29.31 0.57 -19.87
C ALA B 233 30.51 -0.23 -19.37
N LEU B 234 30.33 -1.52 -19.16
CA LEU B 234 31.44 -2.36 -18.70
C LEU B 234 32.44 -2.52 -19.84
N ARG B 235 31.94 -2.64 -21.07
CA ARG B 235 32.79 -2.78 -22.24
C ARG B 235 33.67 -1.55 -22.35
N THR B 236 33.05 -0.38 -22.18
CA THR B 236 33.77 0.89 -22.23
C THR B 236 34.81 0.93 -21.12
N GLN B 237 34.44 0.45 -19.95
CA GLN B 237 35.37 0.46 -18.85
C GLN B 237 36.53 -0.50 -19.14
N ALA B 238 36.20 -1.62 -19.76
CA ALA B 238 37.16 -2.65 -20.10
C ALA B 238 38.24 -2.20 -21.07
N LYS B 239 37.87 -1.32 -22.01
CA LYS B 239 38.83 -0.81 -22.97
C LYS B 239 39.58 0.38 -22.37
N ARG B 240 38.95 1.01 -21.39
CA ARG B 240 39.50 2.17 -20.73
C ARG B 240 40.57 1.80 -19.71
N LYS B 241 40.45 0.60 -19.15
CA LYS B 241 41.41 0.13 -18.16
C LYS B 241 41.10 -1.34 -17.89
N ARG B 242 41.79 -1.93 -16.92
CA ARG B 242 41.57 -3.33 -16.59
C ARG B 242 40.42 -3.65 -15.67
N ILE B 243 39.59 -4.60 -16.08
CA ILE B 243 38.48 -5.10 -15.26
C ILE B 243 38.48 -6.62 -15.50
N ILE B 244 37.97 -7.38 -14.56
CA ILE B 244 38.02 -8.81 -14.72
C ILE B 244 36.69 -9.56 -14.72
N ALA B 245 36.74 -10.78 -15.23
CA ALA B 245 35.60 -11.67 -15.30
C ALA B 245 35.98 -12.86 -14.44
N TYR B 246 35.09 -13.25 -13.54
CA TYR B 246 35.35 -14.35 -12.64
C TYR B 246 34.40 -15.54 -12.82
N GLN B 247 34.97 -16.67 -13.23
CA GLN B 247 34.21 -17.90 -13.42
C GLN B 247 33.99 -18.50 -12.02
N PHE B 248 32.86 -18.16 -11.43
CA PHE B 248 32.52 -18.60 -10.08
C PHE B 248 32.27 -20.11 -9.88
N LYS B 249 32.40 -20.52 -8.63
CA LYS B 249 32.16 -21.88 -8.23
C LYS B 249 30.75 -21.86 -7.62
N GLY B 250 29.89 -22.78 -8.06
CA GLY B 250 28.53 -22.83 -7.56
C GLY B 250 27.54 -23.07 -8.69
N LYS B 251 26.32 -23.45 -8.31
CA LYS B 251 25.26 -23.74 -9.27
C LYS B 251 24.35 -22.54 -9.48
N ARG B 252 24.07 -22.21 -10.74
CA ARG B 252 23.20 -21.08 -11.04
C ARG B 252 22.01 -21.46 -11.92
N TYR B 253 20.84 -20.98 -11.54
CA TYR B 253 19.61 -21.20 -12.30
C TYR B 253 19.17 -19.86 -12.88
N ASP B 254 18.78 -19.81 -14.15
CA ASP B 254 18.31 -18.55 -14.71
C ASP B 254 16.81 -18.49 -14.48
N CYS B 255 16.43 -17.96 -13.32
CA CYS B 255 15.05 -17.84 -12.94
C CYS B 255 14.42 -16.63 -13.61
N GLY B 256 15.15 -16.08 -14.59
CA GLY B 256 14.64 -14.97 -15.36
C GLY B 256 13.84 -15.60 -16.49
N SER B 257 14.07 -16.90 -16.70
CA SER B 257 13.36 -17.67 -17.72
C SER B 257 12.47 -18.67 -16.98
N VAL B 258 11.29 -18.96 -17.51
CA VAL B 258 10.41 -19.88 -16.81
C VAL B 258 11.05 -21.26 -16.67
N GLU B 259 11.80 -21.67 -17.70
CA GLU B 259 12.46 -22.97 -17.68
C GLU B 259 13.40 -23.03 -16.48
N GLY B 260 14.12 -21.94 -16.25
CA GLY B 260 15.04 -21.90 -15.13
C GLY B 260 14.27 -21.86 -13.83
N TYR B 261 13.21 -21.05 -13.82
CA TYR B 261 12.35 -20.89 -12.64
C TYR B 261 11.84 -22.27 -12.19
N ILE B 262 11.30 -23.02 -13.14
CA ILE B 262 10.77 -24.35 -12.88
C ILE B 262 11.86 -25.31 -12.39
N GLU B 263 13.00 -25.32 -13.07
CA GLU B 263 14.09 -26.19 -12.67
C GLU B 263 14.56 -25.89 -11.25
N ALA B 264 14.61 -24.62 -10.89
CA ALA B 264 15.06 -24.24 -9.56
C ALA B 264 14.02 -24.67 -8.52
N SER B 265 12.74 -24.48 -8.86
CA SER B 265 11.68 -24.87 -7.96
C SER B 265 11.68 -26.38 -7.73
N ASN B 266 11.87 -27.15 -8.80
CA ASN B 266 11.91 -28.61 -8.70
C ASN B 266 13.13 -29.04 -7.88
N ALA B 267 14.26 -28.40 -8.13
CA ALA B 267 15.48 -28.71 -7.42
C ALA B 267 15.28 -28.49 -5.91
N TYR B 268 14.74 -27.34 -5.55
CA TYR B 268 14.49 -27.01 -4.15
C TYR B 268 13.54 -28.03 -3.54
N TYR B 269 12.53 -28.41 -4.30
CA TYR B 269 11.56 -29.37 -3.82
C TYR B 269 12.27 -30.66 -3.40
N LYS B 270 13.12 -31.20 -4.28
CA LYS B 270 13.84 -32.43 -3.97
C LYS B 270 14.73 -32.35 -2.73
N LYS B 271 15.35 -31.20 -2.50
CA LYS B 271 16.20 -31.04 -1.32
C LYS B 271 15.38 -31.45 -0.10
N ARG B 272 14.05 -31.29 -0.21
CA ARG B 272 13.11 -31.65 0.85
C ARG B 272 13.62 -31.34 2.26
N MET C 1 27.84 22.94 -4.64
CA MET C 1 26.37 22.78 -4.67
C MET C 1 25.91 21.63 -3.78
N ILE C 2 24.95 21.94 -2.90
CA ILE C 2 24.36 20.94 -2.00
C ILE C 2 23.29 20.32 -2.89
N LYS C 3 23.48 19.07 -3.28
CA LYS C 3 22.52 18.40 -4.16
C LYS C 3 21.47 17.59 -3.45
N LYS C 4 21.74 17.24 -2.21
CA LYS C 4 20.78 16.43 -1.46
C LYS C 4 20.15 17.12 -0.26
N CYS C 5 18.85 16.92 -0.09
CA CYS C 5 18.17 17.45 1.08
C CYS C 5 17.51 16.26 1.73
N LEU C 6 17.79 16.09 3.01
CA LEU C 6 17.27 14.99 3.79
C LEU C 6 16.04 15.50 4.58
N PHE C 7 14.91 14.81 4.43
CA PHE C 7 13.69 15.17 5.13
C PHE C 7 13.25 14.11 6.14
N PRO C 8 13.42 14.40 7.44
CA PRO C 8 13.02 13.47 8.51
C PRO C 8 11.50 13.49 8.61
N ALA C 9 10.88 12.32 8.63
CA ALA C 9 9.42 12.24 8.73
C ALA C 9 8.99 10.93 9.39
N ALA C 10 9.77 10.47 10.36
CA ALA C 10 9.48 9.24 11.07
C ALA C 10 9.10 9.50 12.54
N GLY C 11 8.81 10.75 12.87
CA GLY C 11 8.42 11.10 14.22
C GLY C 11 6.99 10.70 14.48
N TYR C 12 6.65 10.43 15.74
CA TYR C 12 5.29 10.01 16.07
C TYR C 12 4.19 11.01 15.73
N GLY C 13 4.39 12.26 16.11
CA GLY C 13 3.39 13.27 15.85
C GLY C 13 2.24 13.00 16.82
N THR C 14 2.60 12.47 17.99
CA THR C 14 1.66 12.13 19.04
C THR C 14 0.59 13.20 19.25
N ARG C 15 0.95 14.44 18.95
CA ARG C 15 0.03 15.56 19.14
C ARG C 15 -1.09 15.67 18.10
N PHE C 16 -0.91 15.05 16.94
CA PHE C 16 -1.93 15.09 15.91
C PHE C 16 -2.68 13.78 15.81
N LEU C 17 -2.59 12.98 16.88
CA LEU C 17 -3.28 11.69 16.93
C LEU C 17 -4.78 12.01 17.03
N PRO C 18 -5.64 11.12 16.51
CA PRO C 18 -5.34 9.86 15.83
C PRO C 18 -4.96 9.79 14.35
N ILE C 19 -5.02 10.88 13.62
CA ILE C 19 -4.72 10.75 12.19
C ILE C 19 -3.26 10.40 11.87
N THR C 20 -2.32 10.81 12.72
CA THR C 20 -0.93 10.49 12.45
C THR C 20 -0.64 9.02 12.65
N LYS C 21 -1.66 8.24 13.00
CA LYS C 21 -1.43 6.81 13.15
C LYS C 21 -1.31 6.22 11.74
N THR C 22 -1.79 6.99 10.76
CA THR C 22 -1.77 6.57 9.36
C THR C 22 -1.08 7.58 8.44
N ILE C 23 -1.32 8.87 8.69
CA ILE C 23 -0.74 9.94 7.87
C ILE C 23 0.36 10.66 8.65
N PRO C 24 1.60 10.62 8.16
CA PRO C 24 2.74 11.28 8.82
C PRO C 24 2.37 12.75 9.06
N LYS C 25 2.86 13.34 10.16
CA LYS C 25 2.52 14.73 10.40
C LYS C 25 3.03 15.62 9.27
N GLU C 26 4.13 15.21 8.64
CA GLU C 26 4.67 15.96 7.50
C GLU C 26 3.73 15.90 6.28
N MET C 27 2.74 15.01 6.29
CA MET C 27 1.78 14.91 5.18
C MET C 27 0.50 15.70 5.42
N LEU C 28 0.35 16.28 6.62
CA LEU C 28 -0.85 17.05 6.92
C LEU C 28 -0.92 18.23 5.97
N PRO C 29 -2.13 18.58 5.50
CA PRO C 29 -2.37 19.69 4.57
C PRO C 29 -2.50 21.05 5.24
N ILE C 30 -2.11 22.12 4.54
CA ILE C 30 -2.27 23.46 5.11
C ILE C 30 -3.69 23.92 4.76
N VAL C 31 -4.33 23.09 3.95
CA VAL C 31 -5.72 23.22 3.48
C VAL C 31 -5.84 22.21 2.33
N ASP C 32 -5.00 22.40 1.30
CA ASP C 32 -5.01 21.55 0.12
C ASP C 32 -3.61 21.10 -0.30
N LYS C 33 -2.61 21.42 0.51
CA LYS C 33 -1.23 21.09 0.16
C LYS C 33 -0.43 20.64 1.38
N PRO C 34 0.13 19.41 1.33
CA PRO C 34 0.91 18.89 2.47
C PRO C 34 2.18 19.67 2.78
N LEU C 35 2.51 19.76 4.07
CA LEU C 35 3.72 20.46 4.55
C LEU C 35 4.96 20.04 3.78
N ILE C 36 5.12 18.73 3.61
CA ILE C 36 6.27 18.18 2.90
C ILE C 36 6.46 18.76 1.50
N GLN C 37 5.37 19.04 0.78
CA GLN C 37 5.52 19.60 -0.58
C GLN C 37 6.14 20.99 -0.55
N TYR C 38 5.73 21.83 0.40
CA TYR C 38 6.31 23.17 0.52
C TYR C 38 7.81 23.01 0.75
N ALA C 39 8.14 22.06 1.62
CA ALA C 39 9.54 21.80 1.95
C ALA C 39 10.32 21.39 0.72
N VAL C 40 9.75 20.51 -0.10
CA VAL C 40 10.42 20.04 -1.31
C VAL C 40 10.62 21.20 -2.30
N GLU C 41 9.56 21.97 -2.54
CA GLU C 41 9.68 23.11 -3.43
C GLU C 41 10.81 24.02 -2.94
N GLU C 42 10.91 24.19 -1.63
CA GLU C 42 11.96 25.02 -1.04
C GLU C 42 13.34 24.46 -1.41
N ALA C 43 13.54 23.17 -1.15
CA ALA C 43 14.82 22.53 -1.45
C ALA C 43 15.19 22.68 -2.93
N MET C 44 14.21 22.53 -3.82
CA MET C 44 14.43 22.68 -5.25
C MET C 44 15.01 24.07 -5.54
N GLU C 45 14.32 25.09 -5.06
CA GLU C 45 14.79 26.45 -5.28
C GLU C 45 16.24 26.58 -4.80
N ALA C 46 16.55 25.97 -3.66
CA ALA C 46 17.90 26.03 -3.12
C ALA C 46 18.91 25.32 -4.02
N GLY C 47 18.43 24.53 -4.98
CA GLY C 47 19.35 23.81 -5.85
C GLY C 47 19.43 22.29 -5.64
N CYS C 48 18.65 21.75 -4.70
CA CYS C 48 18.69 20.31 -4.44
C CYS C 48 17.96 19.54 -5.53
N GLU C 49 18.38 18.31 -5.79
CA GLU C 49 17.77 17.48 -6.82
C GLU C 49 17.43 16.08 -6.32
N VAL C 50 17.98 15.73 -5.16
CA VAL C 50 17.76 14.44 -4.53
C VAL C 50 17.11 14.71 -3.17
N MET C 51 15.86 14.25 -3.04
CA MET C 51 15.11 14.43 -1.80
C MET C 51 15.14 13.10 -1.04
N ALA C 52 15.99 13.02 -0.02
CA ALA C 52 16.13 11.79 0.76
C ALA C 52 15.18 11.83 1.93
N ILE C 53 14.29 10.85 1.96
CA ILE C 53 13.29 10.78 3.00
C ILE C 53 13.46 9.64 3.99
N VAL C 54 13.44 9.99 5.27
CA VAL C 54 13.57 9.02 6.35
C VAL C 54 12.14 8.82 6.82
N THR C 55 11.64 7.60 6.66
CA THR C 55 10.27 7.26 6.99
C THR C 55 10.10 6.36 8.22
N GLY C 56 8.91 6.41 8.79
CA GLY C 56 8.59 5.57 9.93
C GLY C 56 7.58 4.52 9.52
N ARG C 57 6.67 4.17 10.44
CA ARG C 57 5.65 3.17 10.17
C ARG C 57 4.74 3.59 9.01
N ASN C 58 4.36 4.88 9.01
CA ASN C 58 3.48 5.44 7.98
C ASN C 58 4.24 5.82 6.72
N LYS C 59 4.94 4.88 6.10
CA LYS C 59 5.66 5.22 4.88
C LYS C 59 4.75 5.44 3.65
N ARG C 60 3.74 4.58 3.51
CA ARG C 60 2.80 4.61 2.38
C ARG C 60 2.32 5.94 1.78
N SER C 61 1.55 6.72 2.53
CA SER C 61 1.03 7.98 2.01
C SER C 61 2.11 8.94 1.56
N LEU C 62 3.21 8.99 2.31
CA LEU C 62 4.31 9.89 1.92
C LEU C 62 4.87 9.42 0.59
N GLU C 63 5.18 8.13 0.51
CA GLU C 63 5.74 7.56 -0.71
C GLU C 63 4.84 7.63 -1.95
N ASP C 64 3.54 7.38 -1.78
CA ASP C 64 2.60 7.43 -2.88
C ASP C 64 2.43 8.86 -3.39
N TYR C 65 2.47 9.83 -2.49
CA TYR C 65 2.28 11.21 -2.91
C TYR C 65 3.33 11.63 -3.94
N PHE C 66 4.58 11.24 -3.71
CA PHE C 66 5.66 11.62 -4.61
C PHE C 66 5.95 10.64 -5.74
N ASP C 67 5.02 9.71 -5.99
CA ASP C 67 5.15 8.75 -7.08
C ASP C 67 4.18 9.13 -8.20
N THR C 68 4.42 8.62 -9.42
CA THR C 68 3.55 8.94 -10.54
C THR C 68 2.12 8.52 -10.25
N SER C 69 1.16 9.16 -10.92
CA SER C 69 -0.26 8.88 -10.72
C SER C 69 -1.09 9.07 -12.00
N TYR C 70 -2.34 9.49 -11.83
CA TYR C 70 -3.27 9.73 -12.93
C TYR C 70 -2.99 8.97 -14.22
N ASN C 80 -8.89 25.62 -12.49
CA ASN C 80 -7.59 25.69 -11.85
C ASN C 80 -7.14 24.34 -11.29
N LYS C 81 -7.61 23.25 -11.91
CA LYS C 81 -7.18 21.92 -11.48
C LYS C 81 -5.69 21.85 -11.75
N GLU C 82 -5.34 21.95 -13.03
CA GLU C 82 -3.95 21.91 -13.44
C GLU C 82 -3.13 22.78 -12.51
N ASN C 83 -3.60 24.01 -12.30
CA ASN C 83 -2.90 24.94 -11.43
C ASN C 83 -2.54 24.26 -10.12
N ALA C 84 -3.47 23.50 -9.57
CA ALA C 84 -3.25 22.82 -8.32
C ALA C 84 -2.29 21.63 -8.41
N LEU C 85 -2.22 21.00 -9.59
CA LEU C 85 -1.35 19.84 -9.80
C LEU C 85 -0.02 20.07 -10.50
N LYS C 86 0.14 21.22 -11.16
CA LYS C 86 1.38 21.49 -11.89
C LYS C 86 2.67 21.45 -11.07
N SER C 87 2.67 22.03 -9.86
CA SER C 87 3.87 22.02 -9.04
C SER C 87 4.28 20.63 -8.55
N ILE C 88 3.33 19.83 -8.10
CA ILE C 88 3.67 18.49 -7.63
C ILE C 88 4.11 17.62 -8.82
N ARG C 89 3.53 17.89 -9.99
CA ARG C 89 3.91 17.15 -11.19
C ARG C 89 5.35 17.52 -11.57
N ASN C 90 5.68 18.81 -11.51
CA ASN C 90 7.03 19.26 -11.83
C ASN C 90 8.01 18.67 -10.81
N ILE C 91 7.56 18.54 -9.57
CA ILE C 91 8.41 17.97 -8.53
C ILE C 91 8.73 16.52 -8.85
N ILE C 92 7.70 15.74 -9.15
CA ILE C 92 7.87 14.32 -9.46
C ILE C 92 8.79 14.09 -10.65
N GLU C 93 8.73 14.98 -11.64
CA GLU C 93 9.59 14.86 -12.80
C GLU C 93 11.03 15.28 -12.56
N LYS C 94 11.22 16.45 -11.96
CA LYS C 94 12.56 16.97 -11.71
C LYS C 94 13.36 16.38 -10.54
N CYS C 95 12.70 15.72 -9.59
CA CYS C 95 13.41 15.20 -8.43
C CYS C 95 13.56 13.68 -8.32
N CYS C 96 14.67 13.28 -7.73
CA CYS C 96 14.92 11.87 -7.47
C CYS C 96 14.58 11.69 -6.00
N PHE C 97 13.63 10.82 -5.68
CA PHE C 97 13.28 10.60 -4.29
C PHE C 97 13.92 9.33 -3.76
N SER C 98 14.53 9.41 -2.59
CA SER C 98 15.14 8.23 -2.00
C SER C 98 14.54 8.00 -0.62
N TYR C 99 14.50 6.74 -0.18
CA TYR C 99 13.92 6.42 1.11
C TYR C 99 14.69 5.39 1.94
N VAL C 100 14.71 5.61 3.25
CA VAL C 100 15.30 4.66 4.20
C VAL C 100 14.39 4.71 5.40
N ARG C 101 14.21 3.56 6.04
CA ARG C 101 13.34 3.47 7.20
C ARG C 101 14.09 3.56 8.53
N GLN C 102 13.61 4.40 9.44
CA GLN C 102 14.21 4.51 10.76
C GLN C 102 13.53 3.37 11.50
N LYS C 103 14.32 2.41 12.00
CA LYS C 103 13.74 1.26 12.68
C LYS C 103 13.05 1.57 14.00
N GLN C 104 13.57 2.54 14.74
CA GLN C 104 12.97 2.91 16.02
C GLN C 104 13.00 4.43 16.16
N MET C 105 12.00 4.97 16.87
CA MET C 105 11.90 6.41 17.09
C MET C 105 12.89 6.75 18.21
N LYS C 106 14.14 7.03 17.84
CA LYS C 106 15.14 7.34 18.85
C LYS C 106 15.68 8.76 18.79
N GLY C 107 14.91 9.66 18.18
CA GLY C 107 15.30 11.05 18.11
C GLY C 107 15.66 11.58 16.74
N LEU C 108 15.64 12.90 16.61
CA LEU C 108 15.98 13.59 15.37
C LEU C 108 17.41 13.27 14.92
N GLY C 109 18.35 13.27 15.86
CA GLY C 109 19.73 12.97 15.51
C GLY C 109 19.87 11.57 14.92
N HIS C 110 19.21 10.61 15.56
CA HIS C 110 19.21 9.22 15.13
C HIS C 110 18.58 9.11 13.73
N ALA C 111 17.56 9.92 13.49
CA ALA C 111 16.89 9.91 12.20
C ALA C 111 17.91 10.30 11.14
N ILE C 112 18.57 11.44 11.37
CA ILE C 112 19.57 11.94 10.43
C ILE C 112 20.72 10.93 10.25
N LEU C 113 21.08 10.23 11.33
CA LEU C 113 22.15 9.24 11.26
C LEU C 113 21.68 8.05 10.40
N THR C 114 20.39 7.72 10.46
CA THR C 114 19.87 6.63 9.64
C THR C 114 20.01 7.10 8.17
N GLY C 115 19.76 8.40 7.97
CA GLY C 115 19.86 9.00 6.65
C GLY C 115 21.22 8.92 6.01
N GLU C 116 22.23 8.43 6.75
CA GLU C 116 23.57 8.34 6.17
C GLU C 116 23.58 7.44 4.94
N ALA C 117 22.76 6.38 4.97
CA ALA C 117 22.65 5.48 3.85
C ALA C 117 22.24 6.20 2.56
N LEU C 118 21.55 7.33 2.71
CA LEU C 118 21.07 8.10 1.56
C LEU C 118 21.97 9.29 1.19
N ILE C 119 22.83 9.73 2.10
CA ILE C 119 23.67 10.89 1.84
C ILE C 119 25.10 10.59 1.47
N GLY C 120 25.75 9.73 2.24
CA GLY C 120 27.13 9.41 1.95
C GLY C 120 28.06 10.52 2.42
N ASN C 121 29.26 10.53 1.89
CA ASN C 121 30.28 11.51 2.27
C ASN C 121 30.19 12.90 1.63
N GLU C 122 29.15 13.66 1.94
CA GLU C 122 29.00 15.00 1.37
C GLU C 122 28.20 15.93 2.26
N PRO C 123 28.44 17.25 2.16
CA PRO C 123 27.65 18.15 3.01
C PRO C 123 26.23 18.05 2.47
N PHE C 124 25.23 18.28 3.32
CA PHE C 124 23.88 18.15 2.84
C PHE C 124 22.91 19.02 3.60
N ALA C 125 21.73 19.22 3.00
CA ALA C 125 20.70 20.05 3.62
C ALA C 125 19.71 19.18 4.42
N VAL C 126 19.05 19.79 5.37
CA VAL C 126 18.06 19.10 6.18
C VAL C 126 16.87 20.03 6.37
N ILE C 127 15.67 19.52 6.18
CA ILE C 127 14.48 20.32 6.39
C ILE C 127 13.49 19.56 7.25
N LEU C 128 13.13 20.14 8.39
CA LEU C 128 12.13 19.54 9.25
C LEU C 128 10.83 20.16 8.72
N ALA C 129 10.04 19.36 8.01
CA ALA C 129 8.82 19.84 7.39
C ALA C 129 7.74 20.47 8.27
N ASP C 130 7.73 20.19 9.57
CA ASP C 130 6.68 20.81 10.35
C ASP C 130 6.90 22.32 10.51
N ASP C 131 8.06 22.80 10.08
CA ASP C 131 8.33 24.24 10.12
C ASP C 131 8.05 24.82 8.73
N LEU C 132 6.87 25.36 8.56
CA LEU C 132 6.50 25.96 7.29
C LEU C 132 7.12 27.33 7.27
N CYS C 133 8.01 27.57 6.32
CA CYS C 133 8.69 28.84 6.17
C CYS C 133 8.25 29.47 4.84
N ILE C 134 7.61 30.62 4.92
CA ILE C 134 7.18 31.30 3.72
C ILE C 134 7.95 32.62 3.68
N SER C 135 8.55 32.92 2.53
CA SER C 135 9.33 34.14 2.42
C SER C 135 9.11 34.91 1.14
N HIS C 136 8.47 34.26 0.16
CA HIS C 136 8.23 34.80 -1.16
C HIS C 136 8.32 36.30 -1.45
N ASP C 137 9.48 36.86 -1.13
CA ASP C 137 9.80 38.26 -1.38
C ASP C 137 11.32 38.14 -1.43
N HIS C 138 11.84 37.28 -0.57
CA HIS C 138 13.26 36.98 -0.48
C HIS C 138 13.34 35.54 -0.95
N PRO C 139 14.57 35.04 -1.22
CA PRO C 139 14.71 33.65 -1.67
C PRO C 139 14.20 32.74 -0.56
N SER C 140 13.95 31.47 -0.84
CA SER C 140 13.47 30.55 0.18
C SER C 140 14.54 30.43 1.27
N VAL C 141 14.13 30.03 2.46
CA VAL C 141 15.05 29.94 3.60
C VAL C 141 16.27 29.07 3.31
N LEU C 142 16.06 27.86 2.78
CA LEU C 142 17.18 26.98 2.45
C LEU C 142 18.13 27.64 1.44
N LYS C 143 17.55 28.34 0.46
CA LYS C 143 18.36 29.00 -0.57
C LYS C 143 19.23 30.08 0.05
N GLN C 144 18.70 30.77 1.05
CA GLN C 144 19.44 31.81 1.75
C GLN C 144 20.66 31.15 2.39
N MET C 145 20.41 30.00 2.99
CA MET C 145 21.45 29.24 3.68
C MET C 145 22.44 28.54 2.74
N THR C 146 21.95 28.16 1.57
CA THR C 146 22.78 27.49 0.58
C THR C 146 23.81 28.49 0.05
N SER C 147 23.39 29.74 -0.10
CA SER C 147 24.27 30.80 -0.58
C SER C 147 25.29 31.10 0.52
N LEU C 148 24.84 31.12 1.78
CA LEU C 148 25.73 31.37 2.90
C LEU C 148 26.78 30.27 2.95
N TYR C 149 26.34 29.03 2.70
CA TYR C 149 27.25 27.89 2.73
C TYR C 149 28.40 28.04 1.75
N GLN C 150 28.13 28.61 0.58
CA GLN C 150 29.17 28.75 -0.42
C GLN C 150 30.32 29.61 0.12
N LYS C 151 29.98 30.55 0.99
CA LYS C 151 31.00 31.40 1.59
C LYS C 151 31.66 30.73 2.80
N TYR C 152 30.86 30.18 3.71
CA TYR C 152 31.38 29.59 4.93
C TYR C 152 31.87 28.14 4.93
N GLN C 153 31.28 27.29 4.10
CA GLN C 153 31.69 25.88 4.01
C GLN C 153 31.68 25.15 5.35
N CYS C 154 30.68 25.42 6.17
CA CYS C 154 30.58 24.74 7.45
C CYS C 154 29.10 24.52 7.71
N SER C 155 28.78 23.79 8.77
CA SER C 155 27.39 23.53 9.11
C SER C 155 26.68 24.85 9.36
N ILE C 156 25.42 24.91 8.94
CA ILE C 156 24.61 26.13 9.13
C ILE C 156 23.27 25.77 9.79
N VAL C 157 22.93 26.47 10.88
CA VAL C 157 21.66 26.21 11.55
C VAL C 157 20.83 27.49 11.55
N ALA C 158 19.60 27.37 11.04
CA ALA C 158 18.66 28.47 10.98
C ALA C 158 18.12 28.83 12.36
N ILE C 159 17.99 30.13 12.61
CA ILE C 159 17.48 30.61 13.89
C ILE C 159 16.52 31.81 13.73
N GLU C 160 15.68 31.98 14.74
CA GLU C 160 14.68 33.03 14.76
C GLU C 160 14.58 33.53 16.18
N GLU C 161 14.35 34.81 16.33
CA GLU C 161 14.18 35.41 17.64
C GLU C 161 12.75 35.04 18.08
N VAL C 162 12.60 34.63 19.34
CA VAL C 162 11.30 34.26 19.86
C VAL C 162 11.16 34.84 21.26
N ALA C 163 9.96 34.78 21.82
CA ALA C 163 9.74 35.28 23.17
C ALA C 163 10.31 34.24 24.12
N LEU C 164 10.81 34.69 25.27
CA LEU C 164 11.38 33.74 26.24
C LEU C 164 10.36 32.67 26.60
N GLU C 165 9.09 33.04 26.56
CA GLU C 165 8.01 32.14 26.88
C GLU C 165 7.91 30.97 25.89
N GLU C 166 8.60 31.09 24.76
CA GLU C 166 8.56 30.08 23.70
C GLU C 166 9.79 29.16 23.72
N VAL C 167 10.86 29.65 24.33
CA VAL C 167 12.11 28.92 24.37
C VAL C 167 12.12 27.43 24.74
N SER C 168 11.32 27.01 25.73
CA SER C 168 11.35 25.61 26.14
C SER C 168 10.89 24.62 25.08
N LYS C 169 10.43 25.12 23.94
CA LYS C 169 9.99 24.22 22.87
C LYS C 169 11.08 24.01 21.84
N TYR C 170 12.13 24.81 21.91
CA TYR C 170 13.17 24.75 20.89
C TYR C 170 14.60 24.66 21.35
N GLY C 171 15.47 24.46 20.37
CA GLY C 171 16.89 24.46 20.64
C GLY C 171 17.27 25.92 20.71
N VAL C 172 18.17 26.26 21.61
CA VAL C 172 18.58 27.64 21.78
C VAL C 172 20.09 27.71 21.78
N ILE C 173 20.64 28.70 21.08
CA ILE C 173 22.07 28.81 20.99
C ILE C 173 22.66 29.91 21.87
N ARG C 174 23.98 30.04 21.74
CA ARG C 174 24.77 31.08 22.39
C ARG C 174 25.72 31.34 21.25
N GLY C 175 25.63 32.53 20.68
CA GLY C 175 26.50 32.85 19.56
C GLY C 175 27.17 34.20 19.65
N GLU C 176 28.18 34.36 18.81
CA GLU C 176 28.96 35.59 18.75
C GLU C 176 28.75 36.16 17.34
N TRP C 177 28.23 37.38 17.28
CA TRP C 177 27.95 38.04 16.00
C TRP C 177 29.17 38.07 15.08
N LEU C 178 28.95 37.79 13.80
CA LEU C 178 30.02 37.80 12.79
C LEU C 178 29.70 38.91 11.79
N GLU C 179 28.54 38.78 11.14
CA GLU C 179 28.07 39.77 10.19
C GLU C 179 26.56 39.85 10.40
N GLU C 180 25.88 40.69 9.63
CA GLU C 180 24.44 40.86 9.80
C GLU C 180 23.65 39.54 9.80
N GLY C 181 23.11 39.19 10.96
CA GLY C 181 22.33 37.96 11.09
C GLY C 181 23.10 36.66 11.05
N VAL C 182 24.39 36.73 11.37
CA VAL C 182 25.24 35.54 11.34
C VAL C 182 25.99 35.42 12.66
N TYR C 183 25.81 34.28 13.32
CA TYR C 183 26.47 34.04 14.59
C TYR C 183 27.29 32.77 14.55
N GLU C 184 28.43 32.82 15.24
CA GLU C 184 29.28 31.65 15.35
C GLU C 184 28.72 31.03 16.62
N ILE C 185 28.16 29.83 16.52
CA ILE C 185 27.58 29.17 17.67
C ILE C 185 28.65 28.78 18.69
N LYS C 186 28.50 29.27 19.91
CA LYS C 186 29.44 28.94 20.98
C LYS C 186 28.88 27.78 21.77
N ASP C 187 27.55 27.72 21.89
CA ASP C 187 26.90 26.65 22.63
C ASP C 187 25.43 26.49 22.25
N MET C 188 24.88 25.32 22.55
CA MET C 188 23.49 25.02 22.24
C MET C 188 22.89 24.13 23.31
N VAL C 189 21.59 24.29 23.52
CA VAL C 189 20.87 23.49 24.51
C VAL C 189 19.48 23.22 23.95
N GLU C 190 19.07 21.96 23.99
CA GLU C 190 17.77 21.55 23.47
C GLU C 190 16.69 21.76 24.53
N LYS C 191 15.69 22.58 24.18
CA LYS C 191 14.54 22.83 25.05
C LYS C 191 14.81 23.17 26.50
N PRO C 192 15.51 24.29 26.77
CA PRO C 192 15.81 24.68 28.16
C PRO C 192 14.62 25.38 28.81
N ASN C 193 14.61 25.48 30.14
CA ASN C 193 13.55 26.21 30.83
C ASN C 193 13.90 27.65 30.46
N GLN C 194 12.92 28.54 30.38
CA GLN C 194 13.26 29.89 29.97
C GLN C 194 14.27 30.53 30.92
N GLU C 195 14.26 30.13 32.19
CA GLU C 195 15.19 30.68 33.15
C GLU C 195 16.61 30.26 32.77
N ASP C 196 16.75 29.08 32.16
CA ASP C 196 18.07 28.57 31.80
C ASP C 196 18.51 28.86 30.36
N ALA C 197 17.62 29.41 29.56
CA ALA C 197 17.93 29.68 28.15
C ALA C 197 19.03 30.72 27.93
N PRO C 198 20.12 30.31 27.26
CA PRO C 198 21.25 31.20 26.98
C PRO C 198 20.97 32.41 26.07
N SER C 199 19.75 32.51 25.56
CA SER C 199 19.38 33.63 24.68
C SER C 199 17.97 33.46 24.13
N ASN C 200 17.55 34.37 23.27
CA ASN C 200 16.21 34.26 22.69
C ASN C 200 16.32 33.82 21.23
N LEU C 201 17.49 33.31 20.87
CA LEU C 201 17.73 32.84 19.50
C LEU C 201 17.41 31.35 19.41
N ALA C 202 16.24 31.04 18.86
CA ALA C 202 15.78 29.66 18.74
C ALA C 202 16.07 28.98 17.40
N VAL C 203 16.46 27.72 17.45
CA VAL C 203 16.76 26.94 16.25
C VAL C 203 15.48 26.58 15.51
N ILE C 204 15.51 26.55 14.19
CA ILE C 204 14.32 26.13 13.44
C ILE C 204 14.74 25.00 12.50
N GLY C 205 13.77 24.22 12.05
CA GLY C 205 14.03 23.08 11.20
C GLY C 205 14.66 23.28 9.84
N ARG C 206 15.88 23.83 9.83
CA ARG C 206 16.59 24.08 8.60
C ARG C 206 18.10 24.03 8.86
N TYR C 207 18.79 23.10 8.23
CA TYR C 207 20.22 22.98 8.43
C TYR C 207 20.95 22.59 7.16
N ILE C 208 22.24 22.89 7.17
CA ILE C 208 23.16 22.49 6.12
C ILE C 208 24.22 21.86 7.01
N LEU C 209 24.53 20.57 6.80
CA LEU C 209 25.50 19.88 7.63
C LEU C 209 26.65 19.26 6.85
N THR C 210 27.89 19.38 7.36
CA THR C 210 29.06 18.75 6.74
C THR C 210 29.00 17.29 7.23
N PRO C 211 29.39 16.32 6.38
CA PRO C 211 29.34 14.90 6.77
C PRO C 211 30.11 14.38 7.97
N ASP C 212 30.96 15.19 8.58
CA ASP C 212 31.64 14.71 9.77
C ASP C 212 30.56 14.62 10.87
N ILE C 213 29.37 15.17 10.59
CA ILE C 213 28.28 15.13 11.55
C ILE C 213 27.80 13.69 11.82
N PHE C 214 27.95 12.80 10.83
CA PHE C 214 27.51 11.42 10.98
C PHE C 214 28.32 10.66 12.01
N GLU C 215 29.63 10.79 11.96
CA GLU C 215 30.50 10.13 12.92
C GLU C 215 30.19 10.69 14.32
N ILE C 216 29.88 11.99 14.39
CA ILE C 216 29.54 12.60 15.67
C ILE C 216 28.22 12.06 16.21
N LEU C 217 27.24 11.85 15.33
CA LEU C 217 25.95 11.33 15.78
C LEU C 217 26.11 9.91 16.35
N SER C 218 26.92 9.09 15.68
CA SER C 218 27.11 7.71 16.13
C SER C 218 27.63 7.60 17.56
N GLU C 219 28.20 8.68 18.09
CA GLU C 219 28.67 8.63 19.46
C GLU C 219 27.90 9.61 20.33
N THR C 220 26.78 10.11 19.82
CA THR C 220 25.95 11.03 20.59
C THR C 220 24.87 10.25 21.35
N LYS C 221 24.96 10.28 22.67
CA LYS C 221 24.03 9.59 23.56
C LYS C 221 22.66 10.30 23.65
N PRO C 222 21.65 9.58 24.16
CA PRO C 222 20.32 10.18 24.27
C PRO C 222 20.33 11.37 25.25
N GLY C 223 19.55 12.39 24.92
CA GLY C 223 19.46 13.57 25.77
C GLY C 223 18.04 13.88 26.15
N LYS C 224 17.62 15.12 25.87
CA LYS C 224 16.25 15.56 26.17
C LYS C 224 15.23 14.52 25.70
N ASN C 225 14.28 14.17 26.59
CA ASN C 225 13.23 13.20 26.27
C ASN C 225 13.80 11.84 25.86
N ASN C 226 15.02 11.56 26.27
CA ASN C 226 15.67 10.30 25.96
C ASN C 226 15.79 10.06 24.45
N GLU C 227 16.00 11.15 23.70
CA GLU C 227 16.15 11.08 22.25
C GLU C 227 17.50 11.62 21.78
N ILE C 228 18.09 10.98 20.80
CA ILE C 228 19.36 11.43 20.26
C ILE C 228 19.05 12.71 19.49
N GLN C 229 19.52 13.82 20.05
CA GLN C 229 19.27 15.15 19.50
C GLN C 229 20.35 15.65 18.56
N ILE C 230 19.93 16.22 17.44
CA ILE C 230 20.87 16.76 16.48
C ILE C 230 21.53 17.98 17.12
N THR C 231 20.83 18.57 18.09
CA THR C 231 21.35 19.72 18.81
C THR C 231 22.66 19.39 19.54
N ASP C 232 22.69 18.28 20.26
CA ASP C 232 23.89 17.87 20.98
C ASP C 232 25.02 17.54 20.01
N ALA C 233 24.70 16.95 18.87
CA ALA C 233 25.73 16.62 17.88
C ALA C 233 26.32 17.94 17.36
N LEU C 234 25.46 18.90 17.11
CA LEU C 234 25.89 20.20 16.62
C LEU C 234 26.70 20.93 17.70
N ARG C 235 26.29 20.78 18.95
CA ARG C 235 27.02 21.39 20.05
C ARG C 235 28.46 20.84 20.07
N THR C 236 28.58 19.53 19.82
CA THR C 236 29.88 18.89 19.79
C THR C 236 30.73 19.41 18.63
N GLN C 237 30.11 19.51 17.45
CA GLN C 237 30.80 19.98 16.27
C GLN C 237 31.26 21.42 16.47
N ALA C 238 30.36 22.23 17.02
CA ALA C 238 30.61 23.65 17.29
C ALA C 238 31.76 23.87 18.28
N LYS C 239 32.15 22.83 19.01
CA LYS C 239 33.26 22.97 19.93
C LYS C 239 34.58 22.46 19.35
N ARG C 240 34.53 21.84 18.17
CA ARG C 240 35.75 21.34 17.50
C ARG C 240 36.20 22.33 16.43
N LYS C 241 35.23 22.87 15.72
CA LYS C 241 35.49 23.84 14.67
C LYS C 241 34.31 24.78 14.66
N ARG C 242 34.40 25.84 13.88
CA ARG C 242 33.31 26.80 13.81
C ARG C 242 32.12 26.33 12.96
N ILE C 243 30.91 26.63 13.43
CA ILE C 243 29.67 26.34 12.70
C ILE C 243 28.82 27.58 12.98
N ILE C 244 27.96 27.96 12.06
CA ILE C 244 27.19 29.18 12.26
C ILE C 244 25.67 29.03 12.34
N ALA C 245 25.05 30.02 12.96
CA ALA C 245 23.60 30.08 13.11
C ALA C 245 23.15 31.26 12.27
N TYR C 246 22.04 31.10 11.55
CA TYR C 246 21.56 32.15 10.67
C TYR C 246 20.11 32.60 10.86
N GLN C 247 19.94 33.89 11.17
CA GLN C 247 18.61 34.48 11.36
C GLN C 247 18.08 34.77 9.97
N PHE C 248 17.39 33.78 9.41
CA PHE C 248 16.81 33.86 8.09
C PHE C 248 15.72 34.92 7.96
N LYS C 249 15.49 35.33 6.72
CA LYS C 249 14.47 36.31 6.39
C LYS C 249 13.27 35.51 5.86
N GLY C 250 12.09 35.76 6.42
CA GLY C 250 10.89 35.05 6.00
C GLY C 250 9.97 34.72 7.17
N LYS C 251 8.77 34.23 6.86
CA LYS C 251 7.79 33.88 7.89
C LYS C 251 7.78 32.38 8.20
N ARG C 252 7.83 32.04 9.48
CA ARG C 252 7.81 30.64 9.87
C ARG C 252 6.66 30.32 10.84
N TYR C 253 5.95 29.23 10.56
CA TYR C 253 4.87 28.77 11.42
C TYR C 253 5.32 27.41 11.97
N ASP C 254 5.17 27.21 13.28
CA ASP C 254 5.54 25.94 13.88
C ASP C 254 4.35 25.01 13.77
N CYS C 255 4.22 24.37 12.62
CA CYS C 255 3.11 23.47 12.36
C CYS C 255 3.28 22.13 13.07
N GLY C 256 4.36 22.00 13.84
CA GLY C 256 4.58 20.81 14.62
C GLY C 256 3.71 21.03 15.86
N SER C 257 3.19 22.25 15.97
CA SER C 257 2.33 22.63 17.08
C SER C 257 0.92 22.82 16.53
N VAL C 258 -0.10 22.54 17.33
CA VAL C 258 -1.45 22.68 16.84
C VAL C 258 -1.73 24.17 16.62
N GLU C 259 -1.20 25.00 17.50
CA GLU C 259 -1.39 26.45 17.39
C GLU C 259 -0.88 26.94 16.05
N GLY C 260 0.36 26.56 15.73
CA GLY C 260 0.95 26.96 14.47
C GLY C 260 0.22 26.40 13.26
N TYR C 261 -0.24 25.16 13.37
CA TYR C 261 -0.97 24.53 12.27
C TYR C 261 -2.18 25.37 11.87
N ILE C 262 -2.96 25.77 12.86
CA ILE C 262 -4.16 26.57 12.61
C ILE C 262 -3.83 27.95 12.05
N GLU C 263 -2.84 28.61 12.64
CA GLU C 263 -2.51 29.94 12.15
C GLU C 263 -2.00 29.90 10.72
N ALA C 264 -1.30 28.84 10.35
CA ALA C 264 -0.79 28.72 8.99
C ALA C 264 -1.96 28.49 8.03
N SER C 265 -2.87 27.64 8.47
CA SER C 265 -4.06 27.31 7.68
C SER C 265 -4.91 28.57 7.46
N ASN C 266 -5.16 29.32 8.52
CA ASN C 266 -5.95 30.54 8.41
C ASN C 266 -5.25 31.57 7.51
N ALA C 267 -3.94 31.70 7.67
CA ALA C 267 -3.20 32.64 6.86
C ALA C 267 -3.38 32.27 5.39
N TYR C 268 -3.14 31.00 5.08
CA TYR C 268 -3.29 30.53 3.72
C TYR C 268 -4.67 30.86 3.17
N TYR C 269 -5.69 30.59 3.98
CA TYR C 269 -7.09 30.84 3.58
C TYR C 269 -7.30 32.29 3.14
N LYS C 270 -6.77 33.22 3.90
CA LYS C 270 -6.90 34.63 3.57
C LYS C 270 -6.14 34.92 2.28
N LYS C 271 -4.92 34.40 2.18
CA LYS C 271 -4.12 34.61 0.98
C LYS C 271 -4.91 34.12 -0.23
N ARG C 272 -5.47 32.91 -0.11
CA ARG C 272 -6.25 32.33 -1.20
C ARG C 272 -7.36 33.28 -1.64
N LEU C 273 -7.55 34.35 -0.87
CA LEU C 273 -8.54 35.37 -1.19
C LEU C 273 -7.83 36.63 -1.69
N MET D 1 -33.99 -3.27 12.00
CA MET D 1 -33.36 -1.92 12.15
C MET D 1 -32.27 -1.71 11.10
N ILE D 2 -31.61 -0.56 11.15
CA ILE D 2 -30.56 -0.23 10.19
C ILE D 2 -29.22 -0.69 10.76
N LYS D 3 -28.60 -1.67 10.13
CA LYS D 3 -27.30 -2.18 10.59
C LYS D 3 -26.11 -1.74 9.73
N LYS D 4 -26.37 -1.39 8.47
CA LYS D 4 -25.30 -0.96 7.56
C LYS D 4 -25.39 0.52 7.26
N CYS D 5 -24.24 1.14 6.98
CA CYS D 5 -24.21 2.55 6.63
C CYS D 5 -23.22 2.66 5.51
N LEU D 6 -23.67 3.19 4.38
CA LEU D 6 -22.81 3.35 3.21
C LEU D 6 -22.07 4.67 3.29
N PHE D 7 -20.76 4.64 3.05
CA PHE D 7 -19.97 5.87 3.08
C PHE D 7 -19.34 6.14 1.70
N PRO D 8 -19.97 7.00 0.89
CA PRO D 8 -19.34 7.26 -0.41
C PRO D 8 -18.03 8.00 -0.15
N ALA D 9 -16.93 7.51 -0.70
CA ALA D 9 -15.63 8.16 -0.52
C ALA D 9 -14.76 8.04 -1.78
N ALA D 10 -15.39 8.25 -2.94
CA ALA D 10 -14.67 8.14 -4.19
C ALA D 10 -14.76 9.36 -5.13
N GLY D 11 -15.11 10.53 -4.60
CA GLY D 11 -15.19 11.72 -5.42
C GLY D 11 -13.79 12.32 -5.57
N TYR D 12 -13.60 13.23 -6.53
CA TYR D 12 -12.29 13.83 -6.72
C TYR D 12 -11.85 14.75 -5.58
N GLY D 13 -12.74 15.63 -5.13
CA GLY D 13 -12.39 16.54 -4.06
C GLY D 13 -11.32 17.43 -4.64
N THR D 14 -11.59 17.91 -5.85
CA THR D 14 -10.68 18.75 -6.60
C THR D 14 -10.29 20.06 -5.93
N ARG D 15 -11.24 20.74 -5.29
CA ARG D 15 -10.87 22.01 -4.66
C ARG D 15 -9.82 21.83 -3.57
N PHE D 16 -9.57 20.58 -3.17
CA PHE D 16 -8.56 20.29 -2.15
C PHE D 16 -7.31 19.72 -2.81
N LEU D 17 -7.25 19.84 -4.12
CA LEU D 17 -6.10 19.37 -4.89
C LEU D 17 -4.96 20.35 -4.58
N PRO D 18 -3.71 19.88 -4.61
CA PRO D 18 -3.22 18.53 -4.90
C PRO D 18 -3.20 17.43 -3.84
N ILE D 19 -3.52 17.74 -2.59
CA ILE D 19 -3.43 16.67 -1.59
C ILE D 19 -4.42 15.52 -1.80
N THR D 20 -5.57 15.81 -2.37
CA THR D 20 -6.56 14.77 -2.62
C THR D 20 -6.15 13.82 -3.75
N LYS D 21 -5.03 14.11 -4.43
CA LYS D 21 -4.58 13.22 -5.47
C LYS D 21 -4.09 11.91 -4.81
N THR D 22 -3.86 11.96 -3.51
CA THR D 22 -3.37 10.83 -2.73
C THR D 22 -4.21 10.61 -1.48
N ILE D 23 -4.68 11.70 -0.88
CA ILE D 23 -5.49 11.63 0.34
C ILE D 23 -6.96 11.95 0.00
N PRO D 24 -7.87 10.96 0.10
CA PRO D 24 -9.28 11.26 -0.23
C PRO D 24 -9.78 12.36 0.71
N LYS D 25 -10.67 13.21 0.21
CA LYS D 25 -11.14 14.32 1.02
C LYS D 25 -11.79 13.92 2.35
N GLU D 26 -12.43 12.75 2.40
CA GLU D 26 -13.06 12.28 3.62
C GLU D 26 -12.00 11.97 4.68
N MET D 27 -10.73 11.88 4.27
CA MET D 27 -9.65 11.58 5.20
C MET D 27 -8.95 12.83 5.72
N LEU D 28 -9.34 14.01 5.22
CA LEU D 28 -8.73 15.26 5.67
C LEU D 28 -9.06 15.42 7.14
N PRO D 29 -8.07 15.83 7.95
CA PRO D 29 -8.29 16.01 9.39
C PRO D 29 -8.81 17.39 9.74
N ILE D 30 -9.65 17.49 10.77
CA ILE D 30 -10.09 18.81 11.16
C ILE D 30 -8.75 19.33 11.68
N VAL D 31 -8.24 18.73 12.76
CA VAL D 31 -6.89 19.12 13.18
C VAL D 31 -6.16 17.81 13.44
N ASP D 32 -6.80 16.92 14.19
CA ASP D 32 -6.20 15.63 14.53
C ASP D 32 -7.06 14.41 14.21
N LYS D 33 -8.24 14.63 13.64
CA LYS D 33 -9.13 13.52 13.34
C LYS D 33 -9.73 13.65 11.94
N PRO D 34 -9.67 12.57 11.13
CA PRO D 34 -10.24 12.69 9.79
C PRO D 34 -11.78 12.72 9.82
N LEU D 35 -12.35 13.46 8.87
CA LEU D 35 -13.79 13.61 8.72
C LEU D 35 -14.53 12.27 8.86
N ILE D 36 -14.02 11.26 8.16
CA ILE D 36 -14.61 9.93 8.14
C ILE D 36 -14.77 9.30 9.54
N GLN D 37 -13.86 9.59 10.47
CA GLN D 37 -13.99 9.02 11.81
C GLN D 37 -15.22 9.58 12.55
N TYR D 38 -15.49 10.88 12.39
CA TYR D 38 -16.67 11.50 13.00
C TYR D 38 -17.94 10.85 12.45
N ALA D 39 -17.98 10.68 11.14
CA ALA D 39 -19.13 10.06 10.48
C ALA D 39 -19.35 8.65 11.02
N VAL D 40 -18.27 7.87 11.10
CA VAL D 40 -18.35 6.50 11.60
C VAL D 40 -18.87 6.48 13.04
N GLU D 41 -18.35 7.35 13.90
CA GLU D 41 -18.81 7.39 15.29
C GLU D 41 -20.32 7.69 15.31
N GLU D 42 -20.76 8.63 14.46
CA GLU D 42 -22.17 8.99 14.35
C GLU D 42 -23.01 7.77 13.93
N ALA D 43 -22.47 6.95 13.02
CA ALA D 43 -23.18 5.74 12.56
C ALA D 43 -23.29 4.71 13.70
N MET D 44 -22.22 4.57 14.48
CA MET D 44 -22.20 3.63 15.60
C MET D 44 -23.24 4.00 16.64
N GLU D 45 -23.29 5.28 17.01
CA GLU D 45 -24.26 5.76 17.99
C GLU D 45 -25.68 5.50 17.49
N ALA D 46 -25.85 5.50 16.17
CA ALA D 46 -27.14 5.26 15.56
C ALA D 46 -27.48 3.76 15.45
N GLY D 47 -26.58 2.90 15.91
CA GLY D 47 -26.84 1.47 15.84
C GLY D 47 -26.22 0.66 14.70
N CYS D 48 -25.46 1.30 13.81
CA CYS D 48 -24.86 0.57 12.72
C CYS D 48 -23.66 -0.24 13.18
N GLU D 49 -23.45 -1.39 12.54
CA GLU D 49 -22.35 -2.28 12.89
C GLU D 49 -21.51 -2.60 11.66
N VAL D 50 -22.05 -2.29 10.50
CA VAL D 50 -21.32 -2.53 9.25
C VAL D 50 -21.10 -1.18 8.59
N MET D 51 -19.83 -0.84 8.40
CA MET D 51 -19.46 0.42 7.76
C MET D 51 -18.97 0.08 6.35
N ALA D 52 -19.85 0.32 5.37
CA ALA D 52 -19.57 0.03 3.96
C ALA D 52 -19.03 1.25 3.23
N ILE D 53 -17.81 1.10 2.70
CA ILE D 53 -17.16 2.20 2.02
C ILE D 53 -16.93 2.04 0.51
N VAL D 54 -17.38 3.02 -0.27
CA VAL D 54 -17.19 3.01 -1.72
C VAL D 54 -15.94 3.83 -1.97
N THR D 55 -14.90 3.13 -2.39
CA THR D 55 -13.59 3.71 -2.64
C THR D 55 -13.30 4.13 -4.08
N GLY D 56 -12.34 5.04 -4.21
CA GLY D 56 -11.94 5.51 -5.52
C GLY D 56 -10.48 5.17 -5.74
N ARG D 57 -9.73 6.07 -6.38
CA ARG D 57 -8.31 5.84 -6.66
C ARG D 57 -7.46 5.64 -5.41
N ASN D 58 -7.72 6.44 -4.36
CA ASN D 58 -6.92 6.36 -3.15
C ASN D 58 -7.60 5.87 -1.89
N LYS D 59 -7.90 4.58 -1.84
CA LYS D 59 -8.54 3.97 -0.68
C LYS D 59 -7.51 3.47 0.34
N ARG D 60 -6.24 3.43 -0.06
CA ARG D 60 -5.17 2.94 0.79
C ARG D 60 -5.18 3.64 2.16
N SER D 61 -5.35 4.96 2.15
CA SER D 61 -5.38 5.73 3.39
C SER D 61 -6.59 5.34 4.23
N LEU D 62 -7.74 5.20 3.59
CA LEU D 62 -8.96 4.82 4.31
C LEU D 62 -8.84 3.44 4.93
N GLU D 63 -8.56 2.43 4.10
CA GLU D 63 -8.45 1.07 4.60
C GLU D 63 -7.42 0.98 5.71
N ASP D 64 -6.29 1.64 5.51
CA ASP D 64 -5.22 1.62 6.50
C ASP D 64 -5.70 2.22 7.80
N TYR D 65 -6.46 3.31 7.69
CA TYR D 65 -6.93 3.98 8.89
C TYR D 65 -7.86 3.13 9.74
N PHE D 66 -8.74 2.35 9.11
CA PHE D 66 -9.65 1.53 9.88
C PHE D 66 -9.18 0.09 10.08
N ASP D 67 -7.92 -0.17 9.78
CA ASP D 67 -7.35 -1.50 9.98
C ASP D 67 -6.58 -1.45 11.30
N THR D 68 -6.57 -2.55 12.04
CA THR D 68 -5.88 -2.59 13.31
C THR D 68 -4.44 -2.13 13.10
N SER D 69 -3.81 -1.60 14.14
CA SER D 69 -2.45 -1.07 14.04
C SER D 69 -1.53 -1.51 15.18
N TYR D 70 -0.97 -0.52 15.86
CA TYR D 70 -0.05 -0.73 16.98
C TYR D 70 0.32 0.64 17.51
N THR D 79 -1.19 9.49 28.20
CA THR D 79 -2.31 10.32 28.66
C THR D 79 -3.31 10.57 27.53
N ASN D 80 -3.06 11.60 26.71
CA ASN D 80 -3.98 11.87 25.61
C ASN D 80 -3.53 11.21 24.31
N LYS D 81 -2.56 10.32 24.39
CA LYS D 81 -2.15 9.58 23.20
C LYS D 81 -3.14 8.44 23.36
N GLU D 82 -3.35 8.08 24.63
CA GLU D 82 -4.28 7.04 25.03
C GLU D 82 -5.67 7.57 24.70
N ASN D 83 -5.99 8.74 25.23
CA ASN D 83 -7.31 9.31 24.99
C ASN D 83 -7.49 9.75 23.54
N ALA D 84 -6.40 9.96 22.83
CA ALA D 84 -6.52 10.36 21.43
C ALA D 84 -6.82 9.12 20.58
N LEU D 85 -6.31 7.97 21.02
CA LEU D 85 -6.49 6.70 20.30
C LEU D 85 -7.64 5.82 20.79
N LYS D 86 -8.26 6.19 21.90
CA LYS D 86 -9.35 5.39 22.49
C LYS D 86 -10.54 5.09 21.55
N SER D 87 -11.17 6.13 21.01
CA SER D 87 -12.30 5.91 20.12
C SER D 87 -11.98 5.13 18.85
N ILE D 88 -10.91 5.48 18.15
CA ILE D 88 -10.59 4.77 16.92
C ILE D 88 -10.37 3.27 17.15
N ARG D 89 -9.62 2.91 18.18
CA ARG D 89 -9.40 1.49 18.44
C ARG D 89 -10.74 0.83 18.81
N ASN D 90 -11.63 1.59 19.45
CA ASN D 90 -12.93 1.06 19.80
C ASN D 90 -13.66 0.80 18.47
N ILE D 91 -13.57 1.76 17.57
CA ILE D 91 -14.22 1.63 16.27
C ILE D 91 -13.72 0.38 15.52
N ILE D 92 -12.41 0.23 15.47
CA ILE D 92 -11.81 -0.88 14.75
C ILE D 92 -12.17 -2.26 15.31
N GLU D 93 -12.22 -2.39 16.63
CA GLU D 93 -12.56 -3.68 17.22
C GLU D 93 -14.07 -3.94 17.22
N LYS D 94 -14.86 -2.88 17.18
CA LYS D 94 -16.30 -3.02 17.16
C LYS D 94 -16.92 -3.21 15.78
N CYS D 95 -16.72 -2.23 14.91
CA CYS D 95 -17.30 -2.25 13.57
C CYS D 95 -16.77 -3.28 12.59
N CYS D 96 -17.51 -3.42 11.49
CA CYS D 96 -17.15 -4.31 10.41
C CYS D 96 -17.08 -3.43 9.17
N PHE D 97 -15.88 -3.32 8.59
CA PHE D 97 -15.70 -2.52 7.40
C PHE D 97 -15.65 -3.35 6.13
N SER D 98 -16.41 -2.94 5.13
CA SER D 98 -16.40 -3.63 3.85
C SER D 98 -16.07 -2.60 2.76
N TYR D 99 -15.56 -3.04 1.62
CA TYR D 99 -15.19 -2.13 0.55
C TYR D 99 -15.58 -2.54 -0.86
N VAL D 100 -15.79 -1.53 -1.70
CA VAL D 100 -16.08 -1.71 -3.12
C VAL D 100 -15.56 -0.47 -3.83
N ARG D 101 -14.95 -0.70 -4.97
CA ARG D 101 -14.38 0.37 -5.78
C ARG D 101 -15.37 0.91 -6.81
N GLN D 102 -15.56 2.22 -6.86
CA GLN D 102 -16.43 2.80 -7.87
C GLN D 102 -15.48 2.97 -9.04
N LYS D 103 -15.62 2.11 -10.05
CA LYS D 103 -14.76 2.11 -11.24
C LYS D 103 -14.49 3.51 -11.80
N GLN D 104 -15.55 4.27 -12.07
CA GLN D 104 -15.39 5.62 -12.59
C GLN D 104 -16.23 6.59 -11.76
N MET D 105 -15.80 7.85 -11.73
CA MET D 105 -16.52 8.88 -10.99
C MET D 105 -17.71 9.31 -11.82
N LYS D 106 -18.87 8.71 -11.58
CA LYS D 106 -20.06 9.04 -12.34
C LYS D 106 -21.17 9.70 -11.52
N GLY D 107 -20.83 10.16 -10.32
CA GLY D 107 -21.80 10.81 -9.48
C GLY D 107 -22.09 10.09 -8.18
N LEU D 108 -22.53 10.86 -7.19
CA LEU D 108 -22.91 10.33 -5.89
C LEU D 108 -23.96 9.22 -6.07
N GLY D 109 -24.89 9.41 -7.02
CA GLY D 109 -25.92 8.41 -7.27
C GLY D 109 -25.36 7.07 -7.72
N HIS D 110 -24.32 7.11 -8.55
CA HIS D 110 -23.69 5.90 -9.05
C HIS D 110 -22.84 5.21 -7.96
N ALA D 111 -22.25 5.99 -7.07
CA ALA D 111 -21.43 5.45 -6.00
C ALA D 111 -22.33 4.65 -5.09
N ILE D 112 -23.56 5.14 -4.91
CA ILE D 112 -24.53 4.47 -4.06
C ILE D 112 -25.00 3.20 -4.78
N LEU D 113 -25.21 3.29 -6.08
CA LEU D 113 -25.62 2.13 -6.84
C LEU D 113 -24.49 1.08 -6.72
N THR D 114 -23.25 1.51 -6.98
CA THR D 114 -22.13 0.57 -6.86
C THR D 114 -22.17 -0.08 -5.46
N GLY D 115 -22.47 0.72 -4.44
CA GLY D 115 -22.56 0.20 -3.09
C GLY D 115 -23.62 -0.89 -2.87
N GLU D 116 -24.40 -1.24 -3.90
CA GLU D 116 -25.41 -2.27 -3.72
C GLU D 116 -24.78 -3.62 -3.31
N ALA D 117 -23.63 -3.95 -3.90
CA ALA D 117 -22.94 -5.19 -3.57
C ALA D 117 -22.72 -5.31 -2.06
N LEU D 118 -22.46 -4.19 -1.39
CA LEU D 118 -22.22 -4.20 0.04
C LEU D 118 -23.51 -4.09 0.88
N ILE D 119 -24.60 -3.69 0.25
CA ILE D 119 -25.85 -3.53 1.00
C ILE D 119 -26.87 -4.64 0.83
N GLY D 120 -27.26 -4.92 -0.41
CA GLY D 120 -28.25 -5.97 -0.61
C GLY D 120 -29.64 -5.43 -0.39
N ASN D 121 -30.63 -6.33 -0.36
CA ASN D 121 -32.01 -5.90 -0.19
C ASN D 121 -32.40 -5.57 1.26
N GLU D 122 -31.94 -4.42 1.71
CA GLU D 122 -32.27 -3.98 3.06
C GLU D 122 -32.12 -2.48 3.16
N PRO D 123 -32.96 -1.84 3.97
CA PRO D 123 -32.89 -0.39 4.14
C PRO D 123 -31.51 -0.08 4.72
N PHE D 124 -30.97 1.10 4.44
CA PHE D 124 -29.66 1.43 4.98
C PHE D 124 -29.41 2.93 5.15
N ALA D 125 -28.34 3.25 5.86
CA ALA D 125 -27.99 4.64 6.09
C ALA D 125 -26.85 5.05 5.13
N VAL D 126 -26.86 6.32 4.75
CA VAL D 126 -25.84 6.86 3.86
C VAL D 126 -25.29 8.12 4.54
N ILE D 127 -23.97 8.19 4.65
CA ILE D 127 -23.34 9.36 5.23
C ILE D 127 -22.26 9.90 4.30
N LEU D 128 -22.35 11.20 4.02
CA LEU D 128 -21.37 11.92 3.20
C LEU D 128 -20.52 12.61 4.27
N ALA D 129 -19.36 12.03 4.56
CA ALA D 129 -18.46 12.54 5.60
C ALA D 129 -17.98 13.98 5.44
N ASP D 130 -18.13 14.57 4.25
CA ASP D 130 -17.69 15.94 4.10
C ASP D 130 -18.61 16.91 4.86
N ASP D 131 -19.79 16.44 5.25
CA ASP D 131 -20.68 17.27 6.06
C ASP D 131 -20.45 16.84 7.51
N LEU D 132 -19.65 17.63 8.22
CA LEU D 132 -19.35 17.34 9.61
C LEU D 132 -20.51 17.82 10.45
N CYS D 133 -21.16 16.90 11.15
CA CYS D 133 -22.30 17.23 11.99
C CYS D 133 -21.97 17.12 13.48
N ILE D 134 -22.20 18.22 14.19
CA ILE D 134 -21.94 18.27 15.62
C ILE D 134 -23.24 18.49 16.38
N SER D 135 -23.66 17.47 17.13
CA SER D 135 -24.87 17.59 17.94
C SER D 135 -24.29 17.51 19.34
N HIS D 136 -24.60 18.48 20.19
CA HIS D 136 -24.05 18.44 21.53
C HIS D 136 -25.01 17.90 22.58
N ASP D 137 -26.18 18.51 22.68
CA ASP D 137 -27.15 18.04 23.66
C ASP D 137 -28.10 17.02 23.05
N HIS D 138 -28.09 16.92 21.72
CA HIS D 138 -28.95 15.96 21.02
C HIS D 138 -28.17 14.77 20.52
N PRO D 139 -28.88 13.70 20.13
CA PRO D 139 -28.22 12.49 19.62
C PRO D 139 -27.59 12.86 18.28
N SER D 140 -26.71 12.02 17.77
CA SER D 140 -26.09 12.30 16.47
C SER D 140 -27.20 12.44 15.44
N VAL D 141 -26.94 13.18 14.37
CA VAL D 141 -27.93 13.39 13.33
C VAL D 141 -28.54 12.09 12.81
N LEU D 142 -27.70 11.07 12.61
CA LEU D 142 -28.20 9.79 12.12
C LEU D 142 -29.05 9.10 13.17
N LYS D 143 -28.68 9.23 14.45
CA LYS D 143 -29.45 8.61 15.51
C LYS D 143 -30.85 9.22 15.51
N GLN D 144 -30.93 10.53 15.33
CA GLN D 144 -32.20 11.22 15.27
C GLN D 144 -33.03 10.60 14.13
N MET D 145 -32.39 10.48 12.98
CA MET D 145 -33.02 9.93 11.79
C MET D 145 -33.44 8.47 11.97
N THR D 146 -32.60 7.71 12.67
CA THR D 146 -32.83 6.31 12.96
C THR D 146 -34.17 6.17 13.68
N SER D 147 -34.38 7.04 14.66
CA SER D 147 -35.61 7.05 15.44
C SER D 147 -36.78 7.33 14.51
N LEU D 148 -36.66 8.38 13.71
CA LEU D 148 -37.71 8.74 12.77
C LEU D 148 -38.07 7.54 11.93
N TYR D 149 -37.07 6.92 11.32
CA TYR D 149 -37.28 5.76 10.46
C TYR D 149 -38.15 4.68 11.11
N GLN D 150 -37.96 4.48 12.41
CA GLN D 150 -38.70 3.46 13.15
C GLN D 150 -40.20 3.69 13.02
N LYS D 151 -40.59 4.95 12.97
CA LYS D 151 -42.00 5.31 12.84
C LYS D 151 -42.50 5.30 11.39
N TYR D 152 -41.79 5.97 10.50
CA TYR D 152 -42.18 6.11 9.10
C TYR D 152 -41.83 5.00 8.13
N GLN D 153 -40.77 4.25 8.42
CA GLN D 153 -40.35 3.17 7.54
C GLN D 153 -40.33 3.58 6.07
N CYS D 154 -39.64 4.67 5.76
CA CYS D 154 -39.50 5.14 4.39
C CYS D 154 -38.17 5.90 4.30
N SER D 155 -37.80 6.32 3.10
CA SER D 155 -36.55 7.06 2.96
C SER D 155 -36.63 8.36 3.72
N ILE D 156 -35.49 8.79 4.26
CA ILE D 156 -35.42 10.04 5.01
C ILE D 156 -34.19 10.82 4.59
N VAL D 157 -34.35 12.11 4.28
CA VAL D 157 -33.19 12.88 3.92
C VAL D 157 -33.12 14.15 4.76
N ALA D 158 -31.93 14.31 5.36
CA ALA D 158 -31.63 15.43 6.24
C ALA D 158 -31.58 16.77 5.52
N ILE D 159 -32.20 17.79 6.11
CA ILE D 159 -32.21 19.12 5.52
C ILE D 159 -31.89 20.15 6.58
N GLU D 160 -31.70 21.38 6.14
CA GLU D 160 -31.40 22.49 7.03
C GLU D 160 -31.67 23.75 6.21
N GLU D 161 -32.27 24.76 6.86
CA GLU D 161 -32.54 26.00 6.14
C GLU D 161 -31.23 26.75 5.97
N VAL D 162 -30.98 27.21 4.75
CA VAL D 162 -29.77 27.94 4.43
C VAL D 162 -30.13 29.24 3.70
N ALA D 163 -29.23 30.21 3.72
CA ALA D 163 -29.48 31.46 3.02
C ALA D 163 -29.61 31.09 1.55
N LEU D 164 -30.47 31.78 0.81
CA LEU D 164 -30.68 31.49 -0.60
C LEU D 164 -29.44 31.69 -1.48
N GLU D 165 -28.49 32.49 -1.00
CA GLU D 165 -27.26 32.71 -1.75
C GLU D 165 -26.40 31.45 -1.74
N GLU D 166 -26.79 30.46 -0.94
CA GLU D 166 -26.05 29.20 -0.85
C GLU D 166 -26.77 28.04 -1.54
N VAL D 167 -28.07 28.22 -1.75
CA VAL D 167 -28.90 27.19 -2.35
C VAL D 167 -28.33 26.54 -3.62
N SER D 168 -27.50 27.26 -4.38
CA SER D 168 -26.94 26.73 -5.61
C SER D 168 -25.90 25.61 -5.45
N LYS D 169 -25.43 25.40 -4.22
CA LYS D 169 -24.44 24.35 -3.98
C LYS D 169 -25.05 23.04 -3.54
N TYR D 170 -26.35 23.05 -3.26
CA TYR D 170 -26.98 21.85 -2.75
C TYR D 170 -28.25 21.42 -3.47
N GLY D 171 -28.75 20.26 -3.05
CA GLY D 171 -29.99 19.76 -3.59
C GLY D 171 -31.02 20.47 -2.75
N VAL D 172 -32.20 20.76 -3.31
CA VAL D 172 -33.23 21.47 -2.57
C VAL D 172 -34.60 20.81 -2.71
N ILE D 173 -35.37 20.79 -1.62
CA ILE D 173 -36.70 20.16 -1.64
C ILE D 173 -37.86 21.15 -1.52
N ARG D 174 -39.04 20.70 -1.94
CA ARG D 174 -40.28 21.45 -1.82
C ARG D 174 -41.09 20.46 -1.00
N GLY D 175 -41.50 20.85 0.20
CA GLY D 175 -42.25 19.91 1.02
C GLY D 175 -43.44 20.37 1.83
N GLU D 176 -44.20 19.37 2.29
CA GLU D 176 -45.39 19.57 3.11
C GLU D 176 -45.06 19.30 4.57
N TRP D 177 -45.33 20.27 5.43
CA TRP D 177 -45.05 20.10 6.85
C TRP D 177 -45.94 19.00 7.45
N LEU D 178 -45.33 17.87 7.83
CA LEU D 178 -46.07 16.77 8.43
C LEU D 178 -46.16 17.03 9.92
N GLU D 179 -45.00 17.21 10.55
CA GLU D 179 -44.91 17.48 11.98
C GLU D 179 -43.66 18.28 12.29
N GLU D 180 -43.42 18.52 13.58
CA GLU D 180 -42.27 19.30 14.01
C GLU D 180 -40.94 18.84 13.41
N GLY D 181 -40.50 19.58 12.39
CA GLY D 181 -39.24 19.25 11.73
C GLY D 181 -39.33 18.13 10.72
N VAL D 182 -40.54 17.83 10.25
CA VAL D 182 -40.74 16.75 9.29
C VAL D 182 -41.62 17.18 8.12
N TYR D 183 -41.10 16.99 6.90
CA TYR D 183 -41.83 17.33 5.68
C TYR D 183 -41.92 16.15 4.72
N GLU D 184 -42.99 16.10 3.93
CA GLU D 184 -43.11 15.05 2.93
C GLU D 184 -42.61 15.71 1.66
N ILE D 185 -41.61 15.09 1.04
CA ILE D 185 -41.03 15.64 -0.17
C ILE D 185 -41.94 15.46 -1.38
N LYS D 186 -42.21 16.57 -2.08
CA LYS D 186 -43.04 16.53 -3.27
C LYS D 186 -42.17 16.86 -4.49
N ASP D 187 -40.91 17.19 -4.23
CA ASP D 187 -39.98 17.48 -5.32
C ASP D 187 -38.57 17.78 -4.80
N MET D 188 -37.58 17.59 -5.66
CA MET D 188 -36.19 17.83 -5.30
C MET D 188 -35.48 18.31 -6.54
N VAL D 189 -34.48 19.16 -6.36
CA VAL D 189 -33.69 19.68 -7.46
C VAL D 189 -32.25 19.84 -7.01
N GLU D 190 -31.33 19.32 -7.82
CA GLU D 190 -29.92 19.39 -7.50
C GLU D 190 -29.27 20.67 -8.01
N LYS D 191 -28.77 21.46 -7.05
CA LYS D 191 -28.08 22.71 -7.32
C LYS D 191 -28.76 23.76 -8.19
N PRO D 192 -29.95 24.23 -7.77
CA PRO D 192 -30.67 25.25 -8.55
C PRO D 192 -30.07 26.65 -8.33
N ASN D 193 -30.26 27.55 -9.28
CA ASN D 193 -29.77 28.92 -9.09
C ASN D 193 -30.72 29.53 -8.05
N GLN D 194 -30.39 30.72 -7.56
CA GLN D 194 -31.24 31.36 -6.57
C GLN D 194 -32.63 31.62 -7.13
N GLU D 195 -32.69 32.03 -8.39
CA GLU D 195 -33.94 32.31 -9.11
C GLU D 195 -34.93 31.15 -9.05
N ASP D 196 -34.42 29.94 -9.24
CA ASP D 196 -35.26 28.75 -9.28
C ASP D 196 -35.43 27.90 -8.03
N ALA D 197 -34.65 28.15 -6.99
CA ALA D 197 -34.77 27.34 -5.78
C ALA D 197 -36.23 27.20 -5.34
N PRO D 198 -36.69 25.96 -5.15
CA PRO D 198 -38.06 25.67 -4.72
C PRO D 198 -38.31 26.24 -3.33
N SER D 199 -37.27 26.28 -2.52
CA SER D 199 -37.36 26.78 -1.15
C SER D 199 -35.96 27.07 -0.65
N ASN D 200 -35.82 27.16 0.66
CA ASN D 200 -34.51 27.41 1.26
C ASN D 200 -34.13 26.23 2.14
N LEU D 201 -34.83 25.12 1.94
CA LEU D 201 -34.56 23.89 2.68
C LEU D 201 -33.55 23.08 1.88
N ALA D 202 -32.29 23.10 2.31
CA ALA D 202 -31.24 22.36 1.61
C ALA D 202 -31.00 20.94 2.17
N VAL D 203 -30.54 20.04 1.32
CA VAL D 203 -30.25 18.65 1.70
C VAL D 203 -28.83 18.55 2.24
N ILE D 204 -28.63 17.84 3.34
CA ILE D 204 -27.27 17.67 3.84
C ILE D 204 -26.93 16.19 3.70
N GLY D 205 -25.64 15.88 3.82
CA GLY D 205 -25.17 14.51 3.67
C GLY D 205 -25.62 13.41 4.59
N ARG D 206 -26.92 13.27 4.80
CA ARG D 206 -27.45 12.23 5.67
C ARG D 206 -28.73 11.64 5.06
N TYR D 207 -28.75 10.34 4.83
CA TYR D 207 -29.94 9.72 4.27
C TYR D 207 -30.18 8.33 4.85
N ILE D 208 -31.44 7.90 4.80
CA ILE D 208 -31.85 6.54 5.20
C ILE D 208 -32.52 6.14 3.90
N LEU D 209 -32.08 5.06 3.27
CA LEU D 209 -32.69 4.66 1.99
C LEU D 209 -33.28 3.26 1.95
N THR D 210 -34.53 3.15 1.46
CA THR D 210 -35.17 1.86 1.32
C THR D 210 -34.49 1.28 0.07
N PRO D 211 -34.33 -0.05 0.01
CA PRO D 211 -33.66 -0.72 -1.13
C PRO D 211 -34.23 -0.66 -2.54
N ASP D 212 -35.46 -0.18 -2.70
CA ASP D 212 -36.01 -0.05 -4.06
C ASP D 212 -35.25 1.11 -4.76
N ILE D 213 -34.49 1.85 -3.97
CA ILE D 213 -33.72 2.96 -4.51
C ILE D 213 -32.69 2.49 -5.55
N PHE D 214 -32.23 1.23 -5.44
CA PHE D 214 -31.24 0.70 -6.37
C PHE D 214 -31.75 0.49 -7.79
N GLU D 215 -32.96 -0.05 -7.95
CA GLU D 215 -33.50 -0.25 -9.29
C GLU D 215 -33.71 1.15 -9.89
N ILE D 216 -34.19 2.09 -9.08
CA ILE D 216 -34.39 3.46 -9.54
C ILE D 216 -33.06 4.05 -9.99
N LEU D 217 -32.03 3.87 -9.17
CA LEU D 217 -30.70 4.37 -9.47
C LEU D 217 -30.25 3.76 -10.80
N SER D 218 -30.58 2.49 -10.99
CA SER D 218 -30.22 1.76 -12.20
C SER D 218 -30.75 2.39 -13.49
N GLU D 219 -31.82 3.18 -13.36
CA GLU D 219 -32.40 3.80 -14.54
C GLU D 219 -32.21 5.29 -14.55
N THR D 220 -31.62 5.83 -13.50
CA THR D 220 -31.41 7.28 -13.44
C THR D 220 -30.26 7.71 -14.35
N LYS D 221 -30.56 8.63 -15.27
CA LYS D 221 -29.57 9.15 -16.21
C LYS D 221 -28.83 10.37 -15.67
N PRO D 222 -27.63 10.66 -16.22
CA PRO D 222 -26.83 11.81 -15.80
C PRO D 222 -27.63 13.11 -15.69
N GLY D 223 -27.32 13.91 -14.68
CA GLY D 223 -28.03 15.17 -14.51
C GLY D 223 -27.07 16.34 -14.36
N LYS D 224 -27.23 17.10 -13.29
CA LYS D 224 -26.35 18.24 -13.02
C LYS D 224 -24.87 17.82 -13.07
N ASN D 225 -24.06 18.57 -13.81
CA ASN D 225 -22.63 18.30 -13.95
C ASN D 225 -22.35 16.90 -14.53
N ASN D 226 -23.19 16.45 -15.46
CA ASN D 226 -23.07 15.11 -16.09
C ASN D 226 -22.83 13.99 -15.09
N GLU D 227 -23.47 14.08 -13.92
CA GLU D 227 -23.36 13.06 -12.88
C GLU D 227 -24.71 12.47 -12.49
N ILE D 228 -24.74 11.16 -12.31
CA ILE D 228 -25.96 10.46 -11.87
C ILE D 228 -26.15 10.87 -10.42
N GLN D 229 -27.21 11.64 -10.17
CA GLN D 229 -27.47 12.20 -8.85
C GLN D 229 -28.44 11.42 -7.99
N ILE D 230 -28.09 11.27 -6.71
CA ILE D 230 -28.98 10.56 -5.78
C ILE D 230 -30.24 11.43 -5.61
N THR D 231 -30.08 12.72 -5.85
CA THR D 231 -31.18 13.67 -5.76
C THR D 231 -32.26 13.33 -6.79
N ASP D 232 -31.83 12.99 -7.99
CA ASP D 232 -32.78 12.66 -9.03
C ASP D 232 -33.53 11.35 -8.76
N ALA D 233 -32.86 10.35 -8.19
CA ALA D 233 -33.54 9.09 -7.88
C ALA D 233 -34.50 9.30 -6.70
N LEU D 234 -34.08 10.12 -5.73
CA LEU D 234 -34.94 10.42 -4.58
C LEU D 234 -36.18 11.18 -5.04
N ARG D 235 -36.03 11.96 -6.10
CA ARG D 235 -37.18 12.71 -6.64
C ARG D 235 -38.13 11.67 -7.24
N THR D 236 -37.56 10.69 -7.94
CA THR D 236 -38.31 9.62 -8.57
C THR D 236 -39.10 8.84 -7.51
N GLN D 237 -38.41 8.46 -6.44
CA GLN D 237 -39.03 7.73 -5.34
C GLN D 237 -40.14 8.60 -4.74
N ALA D 238 -39.79 9.84 -4.42
CA ALA D 238 -40.71 10.81 -3.84
C ALA D 238 -42.06 10.86 -4.58
N LYS D 239 -42.02 10.79 -5.91
CA LYS D 239 -43.23 10.83 -6.71
C LYS D 239 -43.94 9.49 -6.82
N ARG D 240 -43.27 8.41 -6.41
CA ARG D 240 -43.86 7.07 -6.46
C ARG D 240 -44.54 6.75 -5.13
N LYS D 241 -44.06 7.41 -4.07
CA LYS D 241 -44.62 7.21 -2.74
C LYS D 241 -44.04 8.29 -1.83
N ARG D 242 -44.43 8.26 -0.56
CA ARG D 242 -43.92 9.26 0.35
C ARG D 242 -42.55 9.02 0.97
N ILE D 243 -41.70 10.03 0.86
CA ILE D 243 -40.39 10.00 1.49
C ILE D 243 -40.39 11.29 2.29
N ILE D 244 -39.55 11.38 3.30
CA ILE D 244 -39.56 12.58 4.10
C ILE D 244 -38.23 13.28 4.22
N ALA D 245 -38.28 14.53 4.65
CA ALA D 245 -37.11 15.37 4.85
C ALA D 245 -37.14 15.75 6.32
N TYR D 246 -35.97 15.68 6.96
CA TYR D 246 -35.88 15.97 8.37
C TYR D 246 -34.90 17.09 8.76
N GLN D 247 -35.45 18.18 9.30
CA GLN D 247 -34.65 19.30 9.76
C GLN D 247 -34.00 18.86 11.07
N PHE D 248 -32.82 18.27 10.95
CA PHE D 248 -32.09 17.77 12.10
C PHE D 248 -31.67 18.88 13.07
N LYS D 249 -31.46 18.46 14.32
CA LYS D 249 -31.01 19.37 15.37
C LYS D 249 -29.50 19.17 15.41
N GLY D 250 -28.74 20.26 15.47
CA GLY D 250 -27.30 20.13 15.50
C GLY D 250 -26.60 21.09 14.56
N LYS D 251 -25.29 21.22 14.74
CA LYS D 251 -24.49 22.11 13.91
C LYS D 251 -23.75 21.34 12.83
N ARG D 252 -23.89 21.77 11.59
CA ARG D 252 -23.22 21.14 10.46
C ARG D 252 -22.25 22.11 9.78
N TYR D 253 -21.05 21.63 9.48
CA TYR D 253 -20.03 22.41 8.79
C TYR D 253 -19.84 21.76 7.42
N ASP D 254 -19.93 22.52 6.33
CA ASP D 254 -19.73 21.92 5.03
C ASP D 254 -18.24 21.90 4.75
N CYS D 255 -17.61 20.80 5.13
CA CYS D 255 -16.18 20.66 4.96
C CYS D 255 -15.83 20.25 3.55
N GLY D 256 -16.85 20.14 2.70
CA GLY D 256 -16.64 19.83 1.30
C GLY D 256 -16.17 21.13 0.65
N SER D 257 -16.21 22.23 1.41
CA SER D 257 -15.76 23.53 0.94
C SER D 257 -14.62 23.97 1.85
N VAL D 258 -13.66 24.70 1.32
CA VAL D 258 -12.54 25.13 2.16
C VAL D 258 -13.02 26.01 3.31
N GLU D 259 -13.99 26.87 3.02
CA GLU D 259 -14.53 27.77 4.04
C GLU D 259 -15.16 27.00 5.19
N GLY D 260 -15.78 25.87 4.88
CA GLY D 260 -16.38 25.06 5.92
C GLY D 260 -15.28 24.30 6.65
N TYR D 261 -14.31 23.81 5.87
CA TYR D 261 -13.19 23.06 6.39
C TYR D 261 -12.43 23.95 7.41
N ILE D 262 -12.20 25.19 7.03
CA ILE D 262 -11.52 26.13 7.90
C ILE D 262 -12.36 26.50 9.13
N GLU D 263 -13.67 26.69 8.94
CA GLU D 263 -14.49 27.02 10.10
C GLU D 263 -14.55 25.89 11.10
N ALA D 264 -14.72 24.66 10.61
CA ALA D 264 -14.78 23.50 11.51
C ALA D 264 -13.48 23.39 12.27
N SER D 265 -12.37 23.56 11.56
CA SER D 265 -11.06 23.49 12.18
C SER D 265 -10.90 24.55 13.28
N ASN D 266 -11.27 25.79 12.99
CA ASN D 266 -11.17 26.82 14.02
C ASN D 266 -12.08 26.50 15.20
N ALA D 267 -13.26 25.95 14.91
CA ALA D 267 -14.22 25.60 15.95
C ALA D 267 -13.65 24.57 16.93
N TYR D 268 -13.12 23.48 16.38
CA TYR D 268 -12.56 22.42 17.21
C TYR D 268 -11.40 22.92 18.06
N TYR D 269 -10.60 23.79 17.47
CA TYR D 269 -9.45 24.35 18.18
C TYR D 269 -9.86 25.19 19.40
N LYS D 270 -10.82 26.08 19.22
CA LYS D 270 -11.26 26.90 20.35
C LYS D 270 -11.77 26.03 21.48
N LYS D 271 -12.35 24.88 21.13
CA LYS D 271 -12.90 23.95 22.12
C LYS D 271 -11.78 23.13 22.76
N ARG D 272 -10.55 23.33 22.29
CA ARG D 272 -9.38 22.64 22.84
C ARG D 272 -8.59 23.54 23.80
N1 UPG E . -8.94 -19.51 5.69
C2 UPG E . -9.32 -18.20 6.04
N3 UPG E . -9.30 -17.87 7.30
C4 UPG E . -8.93 -18.77 8.22
C5 UPG E . -8.54 -20.07 7.91
C6 UPG E . -8.56 -20.43 6.59
O2 UPG E . -9.67 -17.39 5.20
O4 UPG E . -8.95 -18.39 9.34
C1C UPG E . -8.99 -19.84 4.27
C2C UPG E . -7.67 -20.14 3.61
O2C UPG E . -6.92 -19.00 3.28
C3C UPG E . -8.10 -21.04 2.48
C4C UPG E . -9.29 -21.73 3.07
O4C UPG E . -9.77 -20.97 4.13
O3C UPG E . -8.64 -20.39 1.35
C5C UPG E . -9.00 -23.16 3.45
O5C UPG E . -8.00 -23.14 4.39
PA UPG E . -7.09 -24.29 4.57
O1A UPG E . -6.24 -24.09 5.61
O2A UPG E . -6.27 -24.46 3.45
O3A UPG E . -8.03 -25.53 4.85
PB UPG E . -7.81 -27.04 4.54
O1B UPG E . -7.26 -27.17 3.25
O2B UPG E . -7.04 -27.63 5.54
O3B UPG E . -9.25 -27.62 4.46
C1' UPG E . -10.32 -27.19 3.66
C2' UPG E . -11.61 -27.82 4.19
C3' UPG E . -11.63 -29.33 4.01
C4' UPG E . -11.32 -29.66 2.53
C5' UPG E . -10.03 -28.93 2.10
C6' UPG E . -9.72 -29.20 0.64
O2' UPG E . -11.70 -27.45 5.54
O3' UPG E . -12.80 -29.90 4.46
O4' UPG E . -11.26 -31.04 2.18
O5' UPG E . -10.18 -27.55 2.31
O6' UPG E . -9.03 -28.20 0.05
MG MG F . -5.86 -26.06 1.81
MG MG G . 3.41 -31.14 1.71
MG MG H . -0.75 -24.30 6.04
N1 UPG I . 16.04 -4.11 -14.66
C2 UPG I . 15.69 -2.90 -14.02
N3 UPG I . 15.31 -1.90 -14.77
C4 UPG I . 15.25 -2.03 -16.08
C5 UPG I . 15.57 -3.19 -16.75
C6 UPG I . 15.98 -4.26 -15.98
O2 UPG I . 15.75 -2.77 -12.82
O4 UPG I . 14.91 -1.07 -16.67
C1C UPG I . 16.49 -5.22 -13.82
C2C UPG I . 15.60 -6.45 -13.78
O2C UPG I . 14.49 -6.32 -12.91
C3C UPG I . 16.60 -7.54 -13.49
C4C UPG I . 17.83 -7.04 -14.16
O4C UPG I . 17.72 -5.66 -14.33
O3C UPG I . 16.98 -7.68 -12.13
C5C UPG I . 18.17 -7.81 -15.42
O5C UPG I . 17.10 -7.74 -16.28
PA UPG I . 16.86 -8.79 -17.36
O1A UPG I . 15.84 -8.39 -18.14
O2A UPG I . 16.47 -10.00 -16.79
O3A UPG I . 18.17 -8.90 -18.20
PB UPG I . 18.81 -10.13 -18.93
O1B UPG I . 18.67 -11.29 -18.18
O2B UPG I . 18.27 -10.29 -20.21
O3B UPG I . 20.33 -9.81 -18.98
C1' UPG I . 21.20 -9.44 -17.91
C2' UPG I . 22.48 -8.86 -18.50
C3' UPG I . 23.24 -9.91 -19.31
C4' UPG I . 23.48 -11.15 -18.42
C5' UPG I . 22.14 -11.61 -17.81
C6' UPG I . 22.35 -12.78 -16.87
O2' UPG I . 22.08 -7.77 -19.26
O3' UPG I . 24.39 -9.41 -19.86
O4' UPG I . 24.16 -12.25 -19.03
O5' UPG I . 21.56 -10.55 -17.11
O6' UPG I . 21.24 -13.08 -16.14
MG MG J . 17.89 -11.82 -16.04
MG MG K . 11.47 -19.85 -21.06
MG MG L . 11.03 -10.60 -19.84
N1 UPG M . 11.79 12.76 13.74
C2 UPG M . 12.21 11.55 13.14
N3 UPG M . 12.54 10.54 13.91
C4 UPG M . 12.48 10.68 15.23
C5 UPG M . 12.08 11.85 15.88
C6 UPG M . 11.73 12.90 15.07
O2 UPG M . 12.27 11.43 11.93
O4 UPG M . 12.81 9.73 15.86
C1C UPG M . 11.45 13.85 12.85
C2C UPG M . 10.03 14.35 12.94
O2C UPG M . 9.09 13.57 12.22
C3C UPG M . 10.19 15.81 12.55
C4C UPG M . 11.58 16.13 13.02
O4C UPG M . 12.27 14.92 13.18
O3C UPG M . 10.24 16.08 11.17
C5C UPG M . 11.58 16.98 14.26
O5C UPG M . 10.88 16.34 15.26
PA UPG M . 10.18 17.07 16.37
O1A UPG M . 9.87 16.22 17.37
O2A UPG M . 8.98 17.61 15.94
O3A UPG M . 11.22 18.16 16.86
PB UPG M . 11.08 19.43 17.75
O1B UPG M . 10.19 20.37 17.17
O2B UPG M . 10.71 19.09 19.06
O3B UPG M . 12.48 20.09 17.71
C1' UPG M . 13.34 20.28 16.59
C2' UPG M . 14.76 20.53 17.08
C3' UPG M . 14.84 21.86 17.84
C4' UPG M . 14.27 22.97 16.97
C5' UPG M . 12.87 22.58 16.48
C6' UPG M . 12.28 23.64 15.59
O2' UPG M . 15.09 19.44 17.88
O3' UPG M . 16.13 22.11 18.28
O4' UPG M . 14.24 24.26 17.55
O5' UPG M . 12.94 21.37 15.78
O6' UPG M . 11.15 23.22 14.94
MG MG N . 8.70 19.93 15.47
MG MG O . 4.56 15.32 19.70
MG MG P . -0.15 23.38 20.92
N1 UPG Q . -18.92 10.80 -4.42
C2 UPG Q . -18.48 9.50 -4.79
N3 UPG Q . -18.37 9.22 -6.06
C4 UPG Q . -18.67 10.15 -6.98
C5 UPG Q . -19.09 11.44 -6.66
C6 UPG Q . -19.21 11.74 -5.32
O2 UPG Q . -18.21 8.63 -3.94
O4 UPG Q . -18.55 9.83 -8.11
C1C UPG Q . -19.05 11.08 -2.99
C2C UPG Q . -18.02 12.03 -2.42
O2C UPG Q . -16.77 11.44 -2.13
C3C UPG Q . -18.79 12.62 -1.26
C4C UPG Q . -20.21 12.59 -1.74
O4C UPG Q . -20.30 11.66 -2.77
O3C UPG Q . -18.80 11.85 -0.07
C5C UPG Q . -20.74 13.94 -2.10
O5C UPG Q . -19.97 14.47 -3.14
PA UPG Q . -19.90 15.95 -3.41
O1A UPG Q . -19.13 16.19 -4.49
O2A UPG Q . -19.30 16.64 -2.34
O3A UPG Q . -21.39 16.41 -3.69
PB UPG Q . -22.11 17.78 -3.41
O1B UPG Q . -21.68 18.32 -2.20
O2B UPG Q . -21.94 18.67 -4.47
O3B UPG Q . -23.60 17.39 -3.20
C1' UPG Q . -24.15 16.41 -2.37
C2' UPG Q . -25.60 16.19 -2.79
C3' UPG Q . -26.42 17.46 -2.53
C4' UPG Q . -26.24 17.89 -1.08
C5' UPG Q . -24.74 17.98 -0.73
C6' UPG Q . -24.55 18.34 0.72
O2' UPG Q . -25.57 15.84 -4.14
O3' UPG Q . -27.74 17.31 -2.90
O4' UPG Q . -26.92 19.06 -0.70
O5' UPG Q . -24.11 16.77 -1.00
O6' UPG Q . -23.35 17.95 1.20
MG MG R . -20.21 17.87 -0.45
MG MG S . -14.78 19.73 -5.76
MG MG T . -14.69 27.36 -1.09
#